data_1GCJ
#
_entry.id   1GCJ
#
_cell.length_a   81.830
_cell.length_b   103.780
_cell.length_c   126.940
_cell.angle_alpha   90.00
_cell.angle_beta   90.00
_cell.angle_gamma   90.00
#
_symmetry.space_group_name_H-M   'P 21 21 21'
#
loop_
_entity.id
_entity.type
_entity.pdbx_description
1 polymer 'IMPORTIN BETA'
2 water water
#
_entity_poly.entity_id   1
_entity_poly.type   'polypeptide(L)'
_entity_poly.pdbx_seq_one_letter_code
;PDYASG(MSE)ELITILEKTVSPDRLELEAAQKFLERAAVENLPTFLVELSRVLANPGNSQVARVAAGLQIKNSLTSKDP
DIKAQYQQRWLAIDANARREVKNYVLQTLGTETYRPSSASQCVAGIACAEIPVSQWPELIPQLVANVTNPNSTEH(MSE)
KESTLEAIGYICQDIDPEQLQDKSNEILTAIIQG(MSE)RKEEPSNNVKLAATNALLNSLEFTKANFDKESERHFI
(MSE)QVVCEATQCPDTRVRVAALQNLVKI(MSE)SLYYQY(MSE)ETY(MSE)GPALFAITIEA(MSE)KSDIDEVALQ
GIEFWSNVCDEE(MSE)DLAIEASEAAEQGRPPEHTSKFYAKGALQYLVPILTQTLTKQDENDDDDDWNPCKAAGVCL
(MSE)LLSTCCEDDIVPHVLPFIKEHIKNPDWRYRDAAV(MSE)AFGSILEGPEPNQLKPLVIQA(MSE)PTLIEL
(MSE)KDPSVVVRDTTAWTVGRICELLPEAAINDVYLVPNSS
;
_entity_poly.pdbx_strand_id   A,B
#
# COMPACT_ATOMS: atom_id res chain seq x y z
N PRO A 1 21.27 25.66 44.00
CA PRO A 1 22.72 25.50 43.77
C PRO A 1 23.36 26.85 43.45
N ASP A 2 24.41 27.19 44.17
CA ASP A 2 25.09 28.46 43.97
C ASP A 2 26.07 28.44 42.80
N TYR A 3 26.68 29.60 42.54
CA TYR A 3 27.64 29.75 41.46
C TYR A 3 28.76 28.71 41.52
N ALA A 4 29.19 28.37 42.73
CA ALA A 4 30.27 27.41 42.91
C ALA A 4 29.85 26.01 42.48
N SER A 5 28.65 25.59 42.89
CA SER A 5 28.17 24.28 42.51
C SER A 5 28.02 24.19 40.99
N GLY A 6 27.43 25.22 40.40
CA GLY A 6 27.25 25.24 38.96
C GLY A 6 28.58 25.16 38.24
N GLU A 8 31.26 23.50 39.36
CA GLU A 8 31.79 22.14 39.42
C GLU A 8 31.01 21.24 38.48
N LEU A 9 29.72 21.50 38.31
CA LEU A 9 28.88 20.71 37.42
C LEU A 9 29.50 20.79 36.02
N ILE A 10 29.86 22.00 35.63
CA ILE A 10 30.46 22.24 34.32
C ILE A 10 31.84 21.58 34.20
N THR A 11 32.53 21.44 35.33
CA THR A 11 33.83 20.80 35.32
C THR A 11 33.64 19.31 35.10
N ILE A 12 32.64 18.76 35.77
CA ILE A 12 32.31 17.34 35.67
C ILE A 12 31.86 17.02 34.25
N LEU A 13 30.90 17.80 33.74
CA LEU A 13 30.38 17.63 32.40
C LEU A 13 31.50 17.59 31.35
N GLU A 14 32.57 18.33 31.57
CA GLU A 14 33.68 18.37 30.62
C GLU A 14 34.58 17.15 30.74
N LYS A 15 34.42 16.41 31.84
CA LYS A 15 35.25 15.23 32.08
C LYS A 15 34.68 13.98 31.42
N THR A 16 33.38 14.00 31.13
CA THR A 16 32.73 12.85 30.50
C THR A 16 33.34 12.61 29.12
N VAL A 17 34.31 13.44 28.75
CA VAL A 17 34.97 13.34 27.45
C VAL A 17 36.47 13.31 27.65
N SER A 18 36.90 13.15 28.90
CA SER A 18 38.33 13.12 29.21
C SER A 18 38.98 11.84 28.69
N PRO A 19 40.23 11.95 28.20
CA PRO A 19 41.00 10.82 27.67
C PRO A 19 41.33 9.83 28.77
N ASP A 20 41.14 10.27 30.01
CA ASP A 20 41.42 9.48 31.19
C ASP A 20 40.23 8.59 31.56
N ARG A 21 40.50 7.42 32.11
CA ARG A 21 39.45 6.50 32.51
C ARG A 21 38.86 6.87 33.87
N LEU A 22 39.73 7.20 34.82
CA LEU A 22 39.30 7.60 36.16
C LEU A 22 38.31 8.75 36.08
N GLU A 23 38.74 9.85 35.45
CA GLU A 23 37.91 11.04 35.30
C GLU A 23 36.57 10.76 34.64
N LEU A 24 36.62 10.15 33.45
CA LEU A 24 35.40 9.83 32.74
C LEU A 24 34.52 8.95 33.63
N GLU A 25 35.17 8.08 34.39
CA GLU A 25 34.49 7.18 35.31
C GLU A 25 33.79 8.00 36.40
N ALA A 26 34.59 8.72 37.17
CA ALA A 26 34.10 9.56 38.26
C ALA A 26 33.03 10.53 37.80
N ALA A 27 33.20 11.07 36.60
CA ALA A 27 32.27 12.02 36.02
C ALA A 27 30.85 11.46 35.94
N GLN A 28 30.69 10.29 35.34
CA GLN A 28 29.37 9.69 35.20
C GLN A 28 28.82 9.21 36.54
N LYS A 29 29.71 8.83 37.46
CA LYS A 29 29.29 8.38 38.79
C LYS A 29 28.61 9.55 39.51
N PHE A 30 29.24 10.72 39.38
CA PHE A 30 28.74 11.95 39.99
C PHE A 30 27.42 12.39 39.37
N LEU A 31 27.37 12.46 38.04
CA LEU A 31 26.17 12.87 37.32
C LEU A 31 24.97 12.00 37.66
N GLU A 32 25.16 10.68 37.63
CA GLU A 32 24.08 9.76 37.95
C GLU A 32 23.64 9.92 39.38
N ARG A 33 24.60 10.10 40.28
CA ARG A 33 24.33 10.29 41.69
C ARG A 33 23.50 11.56 41.89
N ALA A 34 23.83 12.62 41.15
CA ALA A 34 23.11 13.88 41.24
C ALA A 34 21.68 13.74 40.75
N ALA A 35 21.50 12.85 39.76
CA ALA A 35 20.16 12.61 39.21
C ALA A 35 19.33 11.95 40.32
N VAL A 36 19.90 10.92 40.92
CA VAL A 36 19.26 10.20 42.01
C VAL A 36 19.01 11.16 43.18
N GLU A 37 20.08 11.83 43.60
CA GLU A 37 20.03 12.78 44.70
C GLU A 37 18.82 13.71 44.60
N ASN A 38 18.72 14.46 43.51
CA ASN A 38 17.61 15.39 43.31
C ASN A 38 17.49 15.77 41.84
N LEU A 39 16.76 14.94 41.09
CA LEU A 39 16.58 15.15 39.65
C LEU A 39 16.06 16.52 39.18
N PRO A 40 14.92 16.98 39.74
CA PRO A 40 14.38 18.28 39.33
C PRO A 40 15.40 19.39 39.29
N THR A 41 16.24 19.47 40.32
CA THR A 41 17.25 20.53 40.39
C THR A 41 18.43 20.24 39.48
N PHE A 42 18.69 18.96 39.24
CA PHE A 42 19.78 18.56 38.38
C PHE A 42 19.43 18.99 36.95
N LEU A 43 18.19 18.71 36.53
CA LEU A 43 17.74 19.08 35.20
C LEU A 43 17.73 20.60 35.01
N VAL A 44 17.30 21.33 36.04
CA VAL A 44 17.28 22.80 35.95
C VAL A 44 18.70 23.33 35.82
N GLU A 45 19.63 22.74 36.56
CA GLU A 45 21.02 23.18 36.51
C GLU A 45 21.68 22.84 35.19
N LEU A 46 21.23 21.76 34.54
CA LEU A 46 21.80 21.36 33.26
C LEU A 46 21.25 22.28 32.17
N SER A 47 19.96 22.58 32.24
CA SER A 47 19.37 23.45 31.24
C SER A 47 20.01 24.84 31.27
N ARG A 48 20.61 25.20 32.41
CA ARG A 48 21.29 26.49 32.55
C ARG A 48 22.67 26.44 31.92
N VAL A 49 23.32 25.27 31.98
CA VAL A 49 24.64 25.08 31.39
C VAL A 49 24.50 25.07 29.88
N LEU A 50 23.41 24.47 29.41
CA LEU A 50 23.14 24.37 27.99
C LEU A 50 22.81 25.73 27.38
N ALA A 51 21.93 26.48 28.04
CA ALA A 51 21.49 27.79 27.58
C ALA A 51 22.56 28.88 27.61
N ASN A 52 23.67 28.62 28.30
CA ASN A 52 24.73 29.61 28.41
C ASN A 52 25.77 29.60 27.27
N PRO A 53 25.71 30.60 26.38
CA PRO A 53 26.62 30.77 25.23
C PRO A 53 28.06 30.92 25.67
N GLY A 54 28.25 31.23 26.94
CA GLY A 54 29.59 31.40 27.45
C GLY A 54 30.29 30.08 27.75
N ASN A 55 29.51 29.05 28.04
CA ASN A 55 30.07 27.74 28.35
C ASN A 55 30.69 27.06 27.12
N SER A 56 31.75 26.29 27.33
CA SER A 56 32.41 25.62 26.21
C SER A 56 31.46 24.65 25.51
N GLN A 57 31.70 24.42 24.22
CA GLN A 57 30.88 23.53 23.42
C GLN A 57 30.73 22.17 24.09
N VAL A 58 31.84 21.61 24.56
CA VAL A 58 31.82 20.32 25.23
C VAL A 58 30.82 20.28 26.38
N ALA A 59 30.89 21.27 27.26
CA ALA A 59 30.00 21.32 28.42
C ALA A 59 28.53 21.49 28.05
N ARG A 60 28.24 22.27 27.01
CA ARG A 60 26.85 22.48 26.61
C ARG A 60 26.25 21.23 25.97
N VAL A 61 27.06 20.50 25.22
CA VAL A 61 26.62 19.29 24.57
C VAL A 61 26.44 18.20 25.63
N ALA A 62 27.42 18.05 26.50
CA ALA A 62 27.32 17.05 27.56
C ALA A 62 26.08 17.33 28.42
N ALA A 63 25.72 18.61 28.55
CA ALA A 63 24.56 18.97 29.34
C ALA A 63 23.28 18.60 28.59
N GLY A 64 23.26 18.86 27.28
CA GLY A 64 22.09 18.51 26.49
C GLY A 64 21.88 17.00 26.55
N LEU A 65 22.96 16.25 26.33
CA LEU A 65 22.89 14.80 26.38
C LEU A 65 22.33 14.27 27.69
N GLN A 66 22.74 14.84 28.82
CA GLN A 66 22.22 14.41 30.12
C GLN A 66 20.72 14.67 30.19
N ILE A 67 20.29 15.81 29.68
CA ILE A 67 18.87 16.15 29.69
C ILE A 67 18.12 15.21 28.77
N LYS A 68 18.76 14.87 27.64
CA LYS A 68 18.15 13.97 26.66
C LYS A 68 17.93 12.56 27.23
N ASN A 69 19.00 11.97 27.74
CA ASN A 69 18.94 10.63 28.31
C ASN A 69 18.09 10.51 29.56
N SER A 70 17.48 11.61 29.99
CA SER A 70 16.64 11.59 31.18
C SER A 70 15.18 11.58 30.76
N LEU A 71 14.93 11.88 29.48
CA LEU A 71 13.56 11.90 29.01
C LEU A 71 13.25 10.86 27.93
N THR A 72 14.27 10.19 27.40
CA THR A 72 14.07 9.18 26.36
C THR A 72 15.06 8.03 26.41
N SER A 73 14.68 6.92 25.77
CA SER A 73 15.51 5.72 25.70
C SER A 73 15.14 4.89 24.49
N LYS A 74 16.07 4.06 24.04
CA LYS A 74 15.83 3.19 22.89
C LYS A 74 14.84 2.09 23.26
N ASP A 75 14.63 1.90 24.55
CA ASP A 75 13.70 0.89 25.04
C ASP A 75 12.34 1.54 25.31
N PRO A 76 11.34 1.24 24.46
CA PRO A 76 9.99 1.78 24.57
C PRO A 76 9.42 1.81 25.98
N ASP A 77 9.76 0.80 26.77
CA ASP A 77 9.26 0.71 28.14
C ASP A 77 9.99 1.68 29.06
N ILE A 78 11.31 1.73 28.97
CA ILE A 78 12.09 2.64 29.80
C ILE A 78 11.74 4.08 29.41
N LYS A 79 11.62 4.32 28.11
CA LYS A 79 11.26 5.63 27.58
C LYS A 79 9.92 6.07 28.17
N ALA A 80 9.04 5.11 28.40
CA ALA A 80 7.72 5.38 28.95
C ALA A 80 7.77 5.84 30.40
N GLN A 81 8.64 5.24 31.21
CA GLN A 81 8.73 5.64 32.60
C GLN A 81 9.43 6.97 32.76
N TYR A 82 10.38 7.27 31.88
CA TYR A 82 11.10 8.53 31.93
C TYR A 82 10.12 9.67 31.69
N GLN A 83 9.20 9.47 30.75
CA GLN A 83 8.22 10.48 30.43
C GLN A 83 7.26 10.65 31.60
N GLN A 84 7.05 9.58 32.36
CA GLN A 84 6.17 9.64 33.52
C GLN A 84 6.92 10.30 34.67
N ARG A 85 8.20 9.97 34.79
CA ARG A 85 9.04 10.54 35.84
C ARG A 85 9.14 12.05 35.65
N TRP A 86 9.19 12.48 34.40
CA TRP A 86 9.28 13.90 34.08
C TRP A 86 8.00 14.60 34.43
N LEU A 87 6.88 14.02 34.00
CA LEU A 87 5.58 14.60 34.28
C LEU A 87 5.38 14.66 35.78
N ALA A 88 6.16 13.87 36.51
CA ALA A 88 6.08 13.82 37.96
C ALA A 88 6.66 15.09 38.63
N ILE A 89 7.76 15.61 38.08
CA ILE A 89 8.39 16.82 38.61
C ILE A 89 7.35 17.95 38.57
N ASP A 90 7.34 18.81 39.58
CA ASP A 90 6.35 19.89 39.62
C ASP A 90 6.54 20.92 38.50
N ALA A 91 5.41 21.31 37.92
CA ALA A 91 5.36 22.25 36.81
C ALA A 91 6.36 23.40 36.86
N ASN A 92 6.61 23.91 38.06
CA ASN A 92 7.55 25.02 38.22
C ASN A 92 8.97 24.69 37.80
N ALA A 93 9.46 23.54 38.24
CA ALA A 93 10.82 23.11 37.89
C ALA A 93 10.92 22.77 36.40
N ARG A 94 9.85 22.24 35.85
CA ARG A 94 9.80 21.88 34.44
C ARG A 94 9.75 23.13 33.56
N ARG A 95 8.92 24.09 33.93
CA ARG A 95 8.81 25.32 33.16
C ARG A 95 10.16 26.00 33.07
N GLU A 96 10.96 25.86 34.13
CA GLU A 96 12.28 26.48 34.14
C GLU A 96 13.16 25.80 33.09
N VAL A 97 13.20 24.47 33.09
CA VAL A 97 13.99 23.71 32.14
C VAL A 97 13.51 23.97 30.71
N LYS A 98 12.19 23.94 30.51
CA LYS A 98 11.62 24.17 29.19
C LYS A 98 12.00 25.55 28.66
N ASN A 99 11.97 26.54 29.52
CA ASN A 99 12.34 27.90 29.13
C ASN A 99 13.80 28.01 28.73
N TYR A 100 14.68 27.40 29.52
CA TYR A 100 16.10 27.45 29.23
C TYR A 100 16.41 26.73 27.93
N VAL A 101 15.75 25.59 27.71
CA VAL A 101 15.97 24.85 26.48
C VAL A 101 15.56 25.73 25.29
N LEU A 102 14.32 26.22 25.29
CA LEU A 102 13.85 27.07 24.20
C LEU A 102 14.76 28.28 23.98
N GLN A 103 15.33 28.81 25.06
CA GLN A 103 16.21 29.97 24.97
C GLN A 103 17.59 29.63 24.39
N THR A 104 17.89 28.34 24.28
CA THR A 104 19.18 27.91 23.76
C THR A 104 19.13 27.88 22.24
N LEU A 105 17.92 27.77 21.69
CA LEU A 105 17.76 27.75 20.23
C LEU A 105 18.30 29.03 19.60
N GLY A 106 19.34 28.87 18.79
CA GLY A 106 19.96 30.02 18.14
C GLY A 106 21.20 30.51 18.83
N THR A 107 21.38 30.11 20.09
CA THR A 107 22.53 30.53 20.87
C THR A 107 23.70 29.55 20.76
N GLU A 108 23.57 28.56 19.89
CA GLU A 108 24.62 27.57 19.70
C GLU A 108 25.40 27.85 18.42
N THR A 109 26.69 27.52 18.46
CA THR A 109 27.60 27.75 17.33
C THR A 109 27.92 26.44 16.62
N TYR A 110 27.99 25.37 17.39
CA TYR A 110 28.30 24.05 16.85
C TYR A 110 27.20 23.51 15.95
N ARG A 111 27.63 22.66 15.01
CA ARG A 111 26.74 22.05 14.02
C ARG A 111 25.46 21.43 14.59
N PRO A 112 25.55 20.25 15.22
CA PRO A 112 24.31 19.66 15.76
C PRO A 112 23.78 20.40 16.98
N SER A 113 22.54 20.87 16.89
CA SER A 113 21.91 21.58 18.02
C SER A 113 21.50 20.58 19.10
N SER A 114 22.05 20.71 20.29
CA SER A 114 21.70 19.81 21.38
C SER A 114 20.39 20.23 22.03
N ALA A 115 19.98 21.47 21.78
CA ALA A 115 18.76 21.97 22.36
C ALA A 115 17.53 21.37 21.68
N SER A 116 17.61 21.19 20.37
CA SER A 116 16.48 20.64 19.62
C SER A 116 16.13 19.22 20.05
N GLN A 117 17.13 18.43 20.38
CA GLN A 117 16.88 17.06 20.83
C GLN A 117 16.14 17.09 22.17
N CYS A 118 16.52 18.04 23.03
CA CYS A 118 15.87 18.20 24.32
C CYS A 118 14.44 18.70 24.17
N VAL A 119 14.20 19.56 23.18
CA VAL A 119 12.85 20.06 22.93
C VAL A 119 11.97 18.86 22.58
N ALA A 120 12.51 18.01 21.71
CA ALA A 120 11.81 16.81 21.26
C ALA A 120 11.53 15.82 22.39
N GLY A 121 12.51 15.60 23.25
CA GLY A 121 12.32 14.68 24.36
C GLY A 121 11.22 15.13 25.31
N ILE A 122 11.16 16.44 25.57
CA ILE A 122 10.15 17.01 26.47
C ILE A 122 8.79 17.06 25.79
N ALA A 123 8.78 17.46 24.52
CA ALA A 123 7.54 17.54 23.76
C ALA A 123 6.85 16.18 23.70
N CYS A 124 7.63 15.13 23.46
CA CYS A 124 7.06 13.78 23.38
C CYS A 124 6.31 13.39 24.64
N ALA A 125 6.73 13.93 25.78
CA ALA A 125 6.10 13.61 27.05
C ALA A 125 5.00 14.58 27.46
N GLU A 126 5.20 15.87 27.18
CA GLU A 126 4.20 16.86 27.58
C GLU A 126 3.09 17.13 26.57
N ILE A 127 3.39 17.03 25.27
CA ILE A 127 2.37 17.28 24.24
C ILE A 127 1.18 16.31 24.35
N PRO A 128 1.44 15.03 24.63
CA PRO A 128 0.36 14.03 24.75
C PRO A 128 -0.66 14.34 25.85
N VAL A 129 -0.31 15.26 26.75
CA VAL A 129 -1.21 15.65 27.83
C VAL A 129 -1.45 17.16 27.84
N SER A 130 -1.07 17.81 26.75
CA SER A 130 -1.23 19.26 26.62
C SER A 130 -0.53 20.05 27.72
N GLN A 131 0.73 19.71 27.98
CA GLN A 131 1.50 20.39 29.02
C GLN A 131 2.44 21.49 28.55
N TRP A 132 2.59 21.65 27.24
CA TRP A 132 3.47 22.69 26.70
C TRP A 132 2.73 23.46 25.62
N PRO A 133 1.64 24.14 26.00
CA PRO A 133 0.81 24.92 25.09
C PRO A 133 1.48 26.09 24.39
N GLU A 134 2.69 26.45 24.82
CA GLU A 134 3.40 27.57 24.21
C GLU A 134 4.58 27.15 23.35
N LEU A 135 4.76 25.84 23.18
CA LEU A 135 5.86 25.32 22.38
C LEU A 135 5.71 25.59 20.89
N ILE A 136 4.61 25.13 20.30
CA ILE A 136 4.38 25.32 18.87
C ILE A 136 4.42 26.78 18.43
N PRO A 137 3.61 27.64 19.06
CA PRO A 137 3.60 29.06 18.70
C PRO A 137 5.00 29.66 18.75
N GLN A 138 5.77 29.27 19.76
CA GLN A 138 7.12 29.76 19.93
C GLN A 138 7.97 29.33 18.74
N LEU A 139 7.96 28.03 18.45
CA LEU A 139 8.73 27.49 17.33
C LEU A 139 8.36 28.16 16.00
N VAL A 140 7.06 28.30 15.76
CA VAL A 140 6.58 28.93 14.54
C VAL A 140 7.13 30.34 14.44
N ALA A 141 7.04 31.08 15.54
CA ALA A 141 7.53 32.46 15.58
C ALA A 141 9.03 32.51 15.27
N ASN A 142 9.79 31.60 15.87
CA ASN A 142 11.23 31.54 15.65
C ASN A 142 11.59 31.47 14.18
N VAL A 143 10.74 30.82 13.40
CA VAL A 143 11.00 30.66 11.97
C VAL A 143 10.47 31.81 11.10
N THR A 144 9.23 32.21 11.35
CA THR A 144 8.60 33.26 10.58
C THR A 144 9.11 34.67 10.87
N ASN A 145 9.76 34.85 12.01
CA ASN A 145 10.27 36.18 12.34
C ASN A 145 11.42 36.55 11.40
N PRO A 146 11.29 37.67 10.67
CA PRO A 146 12.28 38.18 9.71
C PRO A 146 13.66 38.46 10.28
N ASN A 147 13.73 38.76 11.57
CA ASN A 147 15.02 39.05 12.19
C ASN A 147 15.74 37.81 12.72
N SER A 148 15.06 36.66 12.66
CA SER A 148 15.64 35.42 13.14
C SER A 148 16.91 35.08 12.37
N THR A 149 17.92 34.64 13.10
CA THR A 149 19.21 34.28 12.51
C THR A 149 19.15 32.89 11.86
N GLU A 150 20.23 32.52 11.15
CA GLU A 150 20.29 31.21 10.52
C GLU A 150 20.18 30.10 11.57
N HIS A 151 21.05 30.18 12.58
CA HIS A 151 21.06 29.19 13.64
C HIS A 151 19.70 29.10 14.34
N LYS A 153 16.64 29.75 13.10
CA LYS A 153 15.73 29.05 12.23
C LYS A 153 16.16 27.59 12.04
N GLU A 154 17.44 27.36 11.79
CA GLU A 154 17.91 25.99 11.59
C GLU A 154 17.66 25.08 12.78
N SER A 155 18.00 25.55 13.98
CA SER A 155 17.81 24.72 15.16
C SER A 155 16.33 24.50 15.46
N THR A 156 15.51 25.50 15.17
CA THR A 156 14.08 25.38 15.42
C THR A 156 13.46 24.36 14.47
N LEU A 157 13.88 24.40 13.22
CA LEU A 157 13.36 23.47 12.22
C LEU A 157 13.79 22.04 12.54
N GLU A 158 14.98 21.87 13.11
CA GLU A 158 15.42 20.52 13.45
C GLU A 158 14.53 20.01 14.56
N ALA A 159 14.19 20.88 15.50
CA ALA A 159 13.32 20.51 16.61
C ALA A 159 11.94 20.14 16.10
N ILE A 160 11.43 20.91 15.15
CA ILE A 160 10.12 20.58 14.58
C ILE A 160 10.23 19.21 13.92
N GLY A 161 11.36 18.99 13.25
CA GLY A 161 11.60 17.72 12.58
C GLY A 161 11.58 16.53 13.51
N TYR A 162 12.32 16.64 14.63
CA TYR A 162 12.37 15.56 15.61
C TYR A 162 10.97 15.29 16.16
N ILE A 163 10.24 16.35 16.48
CA ILE A 163 8.90 16.20 17.00
C ILE A 163 8.02 15.45 16.01
N CYS A 164 8.09 15.82 14.74
CA CYS A 164 7.30 15.19 13.68
C CYS A 164 7.53 13.69 13.56
N GLN A 165 8.73 13.22 13.90
CA GLN A 165 9.03 11.80 13.79
C GLN A 165 9.05 11.03 15.10
N ASP A 166 8.95 11.74 16.23
CA ASP A 166 8.97 11.10 17.54
C ASP A 166 7.60 11.08 18.22
N ILE A 167 6.71 11.94 17.77
CA ILE A 167 5.37 12.03 18.34
C ILE A 167 4.33 11.30 17.49
N ASP A 168 3.32 10.76 18.16
CA ASP A 168 2.24 10.05 17.49
C ASP A 168 1.55 11.02 16.54
N PRO A 169 1.47 10.66 15.25
CA PRO A 169 0.83 11.50 14.23
C PRO A 169 -0.50 12.12 14.67
N GLU A 170 -1.28 11.37 15.44
CA GLU A 170 -2.57 11.83 15.93
C GLU A 170 -2.43 13.03 16.87
N GLN A 171 -1.31 13.06 17.60
CA GLN A 171 -1.03 14.13 18.55
C GLN A 171 -0.70 15.45 17.85
N LEU A 172 -0.26 15.36 16.59
CA LEU A 172 0.12 16.55 15.83
C LEU A 172 -0.90 17.06 14.82
N GLN A 173 -1.85 16.20 14.44
CA GLN A 173 -2.88 16.60 13.46
C GLN A 173 -3.58 17.90 13.85
N ASP A 174 -3.74 18.09 15.15
CA ASP A 174 -4.41 19.25 15.70
C ASP A 174 -3.62 20.56 15.55
N LYS A 175 -2.32 20.42 15.30
CA LYS A 175 -1.43 21.57 15.16
C LYS A 175 -0.71 21.54 13.80
N SER A 176 -1.35 20.91 12.83
CA SER A 176 -0.79 20.77 11.48
C SER A 176 -0.53 22.06 10.73
N ASN A 177 -1.52 22.94 10.67
CA ASN A 177 -1.37 24.21 9.97
C ASN A 177 -0.21 25.03 10.50
N GLU A 178 -0.03 25.01 11.82
CA GLU A 178 1.08 25.74 12.45
C GLU A 178 2.41 25.15 12.01
N ILE A 179 2.62 23.87 12.33
CA ILE A 179 3.85 23.18 11.96
C ILE A 179 4.17 23.35 10.47
N LEU A 180 3.16 23.18 9.61
CA LEU A 180 3.36 23.31 8.17
C LEU A 180 3.78 24.71 7.76
N THR A 181 3.19 25.71 8.41
CA THR A 181 3.51 27.10 8.12
C THR A 181 4.99 27.36 8.38
N ALA A 182 5.47 26.87 9.52
CA ALA A 182 6.87 27.04 9.87
C ALA A 182 7.75 26.26 8.90
N ILE A 183 7.35 25.04 8.57
CA ILE A 183 8.10 24.19 7.64
C ILE A 183 8.20 24.83 6.26
N ILE A 184 7.05 25.22 5.72
CA ILE A 184 7.01 25.84 4.39
C ILE A 184 7.83 27.13 4.39
N GLN A 185 7.78 27.85 5.50
CA GLN A 185 8.51 29.11 5.64
C GLN A 185 10.00 28.88 5.48
N GLY A 186 10.52 27.84 6.13
CA GLY A 186 11.94 27.54 6.04
C GLY A 186 12.36 27.06 4.67
N ARG A 188 10.90 28.41 1.71
CA ARG A 188 10.67 29.45 0.71
C ARG A 188 11.89 29.57 -0.20
N LYS A 189 11.68 29.67 -1.50
CA LYS A 189 12.81 29.78 -2.43
C LYS A 189 13.76 30.91 -2.09
N GLU A 190 13.24 31.93 -1.41
CA GLU A 190 14.07 33.09 -1.04
C GLU A 190 14.96 32.89 0.19
N GLU A 191 14.85 31.75 0.85
CA GLU A 191 15.67 31.49 2.03
C GLU A 191 17.15 31.64 1.70
N PRO A 192 17.87 32.47 2.46
CA PRO A 192 19.30 32.69 2.21
C PRO A 192 20.17 31.49 2.55
N SER A 193 19.78 30.73 3.57
CA SER A 193 20.57 29.57 4.00
C SER A 193 20.16 28.21 3.43
N ASN A 194 21.15 27.48 2.92
CA ASN A 194 20.87 26.15 2.40
C ASN A 194 20.71 25.17 3.56
N ASN A 195 21.27 25.52 4.72
CA ASN A 195 21.15 24.67 5.89
C ASN A 195 19.73 24.81 6.46
N VAL A 196 19.17 26.01 6.39
CA VAL A 196 17.81 26.23 6.87
C VAL A 196 16.87 25.46 5.94
N LYS A 197 17.13 25.56 4.64
CA LYS A 197 16.31 24.87 3.65
C LYS A 197 16.35 23.36 3.83
N LEU A 198 17.54 22.83 4.11
CA LEU A 198 17.68 21.40 4.30
C LEU A 198 16.90 20.96 5.54
N ALA A 199 17.01 21.72 6.63
CA ALA A 199 16.32 21.37 7.85
C ALA A 199 14.81 21.40 7.65
N ALA A 200 14.34 22.36 6.86
CA ALA A 200 12.90 22.48 6.60
C ALA A 200 12.38 21.35 5.71
N THR A 201 13.12 21.02 4.66
CA THR A 201 12.73 19.96 3.76
C THR A 201 12.75 18.59 4.46
N ASN A 202 13.74 18.36 5.32
CA ASN A 202 13.80 17.10 6.04
C ASN A 202 12.60 16.99 6.97
N ALA A 203 12.16 18.12 7.49
CA ALA A 203 11.00 18.16 8.39
C ALA A 203 9.70 17.92 7.64
N LEU A 204 9.60 18.39 6.40
CA LEU A 204 8.40 18.19 5.62
C LEU A 204 8.20 16.71 5.38
N LEU A 205 9.30 16.03 5.09
CA LEU A 205 9.27 14.60 4.84
C LEU A 205 8.65 13.83 5.99
N ASN A 206 8.96 14.25 7.21
CA ASN A 206 8.46 13.59 8.41
C ASN A 206 7.00 13.95 8.70
N SER A 207 6.61 15.13 8.27
CA SER A 207 5.25 15.55 8.52
C SER A 207 4.22 14.91 7.58
N LEU A 208 4.67 14.23 6.54
CA LEU A 208 3.74 13.62 5.59
C LEU A 208 2.88 12.53 6.22
N GLU A 209 3.20 12.15 7.45
CA GLU A 209 2.47 11.11 8.15
C GLU A 209 1.21 11.63 8.86
N PHE A 210 1.10 12.94 9.06
CA PHE A 210 -0.08 13.49 9.75
C PHE A 210 -0.68 14.73 9.10
N THR A 211 -0.31 15.02 7.85
CA THR A 211 -0.84 16.22 7.19
C THR A 211 -1.84 15.94 6.06
N LYS A 212 -2.60 14.86 6.18
CA LYS A 212 -3.59 14.52 5.17
C LYS A 212 -4.62 15.63 4.98
N ALA A 213 -5.13 16.16 6.10
CA ALA A 213 -6.11 17.23 6.06
C ALA A 213 -5.55 18.43 5.31
N ASN A 214 -4.25 18.64 5.45
CA ASN A 214 -3.57 19.75 4.80
C ASN A 214 -3.45 19.53 3.30
N PHE A 215 -3.23 18.28 2.88
CA PHE A 215 -3.11 17.96 1.47
C PHE A 215 -4.45 17.84 0.78
N ASP A 216 -5.51 17.57 1.55
CA ASP A 216 -6.84 17.45 0.97
C ASP A 216 -7.43 18.83 0.67
N LYS A 217 -6.76 19.88 1.11
CA LYS A 217 -7.21 21.25 0.86
C LYS A 217 -6.50 21.80 -0.38
N GLU A 218 -7.19 21.74 -1.51
CA GLU A 218 -6.68 22.21 -2.78
C GLU A 218 -5.92 23.53 -2.68
N SER A 219 -6.19 24.31 -1.64
CA SER A 219 -5.54 25.59 -1.48
C SER A 219 -4.14 25.48 -0.92
N GLU A 220 -3.99 24.78 0.19
CA GLU A 220 -2.68 24.61 0.81
C GLU A 220 -1.79 23.70 -0.02
N ARG A 221 -2.38 22.68 -0.61
CA ARG A 221 -1.65 21.73 -1.43
C ARG A 221 -0.88 22.45 -2.53
N HIS A 222 -1.51 23.44 -3.15
CA HIS A 222 -0.86 24.20 -4.21
C HIS A 222 0.44 24.81 -3.71
N PHE A 223 0.40 25.38 -2.51
CA PHE A 223 1.57 26.01 -1.95
C PHE A 223 2.67 25.03 -1.57
N ILE A 224 2.28 23.93 -0.93
CA ILE A 224 3.24 22.91 -0.54
C ILE A 224 3.97 22.40 -1.78
N GLN A 226 4.37 23.91 -4.67
CA GLN A 226 5.18 24.97 -5.25
C GLN A 226 6.53 25.06 -4.54
N VAL A 227 6.48 25.05 -3.20
CA VAL A 227 7.68 25.16 -2.39
C VAL A 227 8.58 23.93 -2.53
N VAL A 228 7.98 22.74 -2.61
CA VAL A 228 8.76 21.52 -2.78
C VAL A 228 9.40 21.49 -4.16
N CYS A 229 8.66 21.90 -5.20
CA CYS A 229 9.22 21.91 -6.55
C CYS A 229 10.35 22.93 -6.66
N GLU A 230 10.21 24.07 -5.99
CA GLU A 230 11.26 25.08 -6.05
C GLU A 230 12.51 24.49 -5.40
N ALA A 231 12.33 23.83 -4.25
CA ALA A 231 13.43 23.23 -3.53
C ALA A 231 14.25 22.26 -4.39
N THR A 232 13.61 21.63 -5.38
CA THR A 232 14.34 20.69 -6.24
C THR A 232 15.30 21.43 -7.16
N GLN A 233 15.23 22.76 -7.16
CA GLN A 233 16.12 23.55 -8.01
C GLN A 233 17.27 24.16 -7.21
N CYS A 234 17.27 23.95 -5.89
CA CYS A 234 18.32 24.49 -5.04
C CYS A 234 19.69 23.95 -5.44
N PRO A 235 20.70 24.82 -5.50
CA PRO A 235 22.06 24.41 -5.88
C PRO A 235 22.74 23.45 -4.89
N ASP A 236 22.25 23.41 -3.65
CA ASP A 236 22.77 22.52 -2.62
C ASP A 236 22.12 21.15 -2.85
N THR A 237 22.90 20.18 -3.31
CA THR A 237 22.38 18.84 -3.59
C THR A 237 21.60 18.16 -2.46
N ARG A 238 21.99 18.43 -1.21
CA ARG A 238 21.29 17.81 -0.07
C ARG A 238 19.83 18.27 -0.05
N VAL A 239 19.62 19.56 -0.32
CA VAL A 239 18.29 20.13 -0.36
C VAL A 239 17.54 19.49 -1.53
N ARG A 240 18.19 19.50 -2.68
CA ARG A 240 17.64 18.93 -3.89
C ARG A 240 17.16 17.51 -3.65
N VAL A 241 18.02 16.69 -3.06
CA VAL A 241 17.69 15.30 -2.79
C VAL A 241 16.52 15.16 -1.84
N ALA A 242 16.49 15.99 -0.80
CA ALA A 242 15.40 15.93 0.17
C ALA A 242 14.08 16.35 -0.50
N ALA A 243 14.13 17.34 -1.37
CA ALA A 243 12.92 17.78 -2.06
C ALA A 243 12.39 16.62 -2.91
N LEU A 244 13.28 16.01 -3.71
CA LEU A 244 12.89 14.89 -4.55
C LEU A 244 12.28 13.79 -3.71
N GLN A 245 12.87 13.52 -2.55
CA GLN A 245 12.34 12.49 -1.65
C GLN A 245 10.89 12.77 -1.28
N ASN A 246 10.57 14.05 -1.10
CA ASN A 246 9.21 14.45 -0.76
C ASN A 246 8.27 14.15 -1.92
N LEU A 247 8.70 14.50 -3.14
CA LEU A 247 7.90 14.27 -4.33
C LEU A 247 7.62 12.78 -4.44
N VAL A 248 8.64 11.97 -4.18
CA VAL A 248 8.52 10.52 -4.26
C VAL A 248 7.45 10.02 -3.29
N LYS A 249 7.50 10.47 -2.05
CA LYS A 249 6.54 10.06 -1.05
C LYS A 249 5.14 10.60 -1.37
N ILE A 250 5.09 11.87 -1.78
CA ILE A 250 3.82 12.52 -2.12
C ILE A 250 3.13 11.83 -3.29
N SER A 252 3.27 8.64 -4.01
CA SER A 252 2.69 7.38 -3.55
C SER A 252 1.60 7.58 -2.50
N LEU A 253 1.40 8.83 -2.10
CA LEU A 253 0.40 9.14 -1.10
C LEU A 253 -0.77 9.93 -1.68
N TYR A 254 -0.52 10.67 -2.76
CA TYR A 254 -1.56 11.49 -3.36
C TYR A 254 -1.59 11.47 -4.87
N TYR A 255 -1.61 10.26 -5.44
CA TYR A 255 -1.64 10.07 -6.88
C TYR A 255 -2.78 10.84 -7.54
N GLN A 256 -3.93 10.89 -6.87
CA GLN A 256 -5.10 11.56 -7.42
C GLN A 256 -5.01 13.07 -7.53
N TYR A 257 -4.07 13.67 -6.81
CA TYR A 257 -3.91 15.13 -6.83
C TYR A 257 -2.79 15.56 -7.78
N GLU A 259 -2.30 15.28 -11.02
CA GLU A 259 -2.64 15.73 -12.37
C GLU A 259 -2.42 17.24 -12.58
N THR A 260 -2.46 18.00 -11.49
CA THR A 260 -2.28 19.44 -11.54
C THR A 260 -0.83 19.84 -11.67
N TYR A 261 0.07 18.99 -11.18
CA TYR A 261 1.48 19.30 -11.21
C TYR A 261 2.35 18.43 -12.11
N GLY A 263 2.21 17.52 -15.45
CA GLY A 263 2.63 18.16 -16.69
C GLY A 263 3.40 19.45 -16.50
N PRO A 264 2.94 20.33 -15.60
CA PRO A 264 3.60 21.61 -15.33
C PRO A 264 4.98 21.57 -14.66
N ALA A 265 5.20 20.61 -13.76
CA ALA A 265 6.49 20.54 -13.05
C ALA A 265 7.14 19.16 -12.88
N LEU A 266 6.41 18.26 -12.21
CA LEU A 266 6.89 16.90 -11.91
C LEU A 266 7.59 16.15 -13.04
N PHE A 267 6.98 16.11 -14.22
CA PHE A 267 7.57 15.41 -15.35
C PHE A 267 8.99 15.93 -15.67
N ALA A 268 9.14 17.22 -15.95
CA ALA A 268 10.45 17.75 -16.28
C ALA A 268 11.49 17.61 -15.14
N ILE A 269 11.07 17.84 -13.91
CA ILE A 269 11.96 17.74 -12.74
C ILE A 269 12.52 16.33 -12.58
N THR A 270 11.63 15.34 -12.47
CA THR A 270 12.04 13.96 -12.28
C THR A 270 12.82 13.38 -13.45
N ILE A 271 12.41 13.70 -14.68
CA ILE A 271 13.10 13.24 -15.88
C ILE A 271 14.53 13.80 -15.86
N GLU A 272 14.67 15.03 -15.41
CA GLU A 272 15.98 15.68 -15.33
C GLU A 272 16.80 15.04 -14.21
N ALA A 273 16.13 14.64 -13.14
CA ALA A 273 16.79 14.02 -12.00
C ALA A 273 17.36 12.67 -12.44
N LYS A 275 18.45 11.83 -15.22
CA LYS A 275 19.61 12.04 -16.08
C LYS A 275 20.87 12.55 -15.38
N SER A 276 20.76 12.84 -14.08
CA SER A 276 21.90 13.38 -13.33
C SER A 276 23.09 12.43 -13.17
N ASP A 277 24.29 13.01 -13.12
CA ASP A 277 25.52 12.24 -12.93
C ASP A 277 25.69 11.94 -11.44
N ILE A 278 24.86 12.62 -10.63
CA ILE A 278 24.89 12.43 -9.18
C ILE A 278 23.96 11.26 -8.88
N ASP A 279 24.51 10.17 -8.35
CA ASP A 279 23.73 8.99 -8.04
C ASP A 279 22.55 9.15 -7.10
N GLU A 280 22.74 9.89 -6.02
CA GLU A 280 21.64 10.04 -5.07
C GLU A 280 20.46 10.78 -5.70
N VAL A 281 20.75 11.63 -6.68
CA VAL A 281 19.72 12.37 -7.38
C VAL A 281 19.01 11.46 -8.38
N ALA A 282 19.79 10.72 -9.16
CA ALA A 282 19.25 9.79 -10.15
C ALA A 282 18.36 8.72 -9.52
N LEU A 283 18.76 8.19 -8.37
CA LEU A 283 17.95 7.16 -7.72
C LEU A 283 16.57 7.72 -7.38
N GLN A 284 16.56 8.95 -6.91
CA GLN A 284 15.32 9.61 -6.52
C GLN A 284 14.40 9.76 -7.75
N GLY A 285 14.98 10.11 -8.88
CA GLY A 285 14.18 10.22 -10.09
C GLY A 285 13.56 8.88 -10.48
N ILE A 286 14.38 7.83 -10.46
CA ILE A 286 13.93 6.47 -10.81
C ILE A 286 12.87 5.94 -9.85
N GLU A 287 13.02 6.23 -8.57
CA GLU A 287 12.06 5.77 -7.58
C GLU A 287 10.71 6.43 -7.81
N PHE A 288 10.73 7.70 -8.23
CA PHE A 288 9.50 8.45 -8.50
C PHE A 288 8.69 7.70 -9.54
N TRP A 289 9.32 7.35 -10.66
CA TRP A 289 8.62 6.64 -11.71
C TRP A 289 8.29 5.20 -11.35
N SER A 290 9.10 4.60 -10.48
CA SER A 290 8.83 3.24 -10.03
C SER A 290 7.52 3.28 -9.23
N ASN A 291 7.34 4.34 -8.45
CA ASN A 291 6.12 4.50 -7.65
C ASN A 291 4.90 4.70 -8.53
N VAL A 292 5.06 5.49 -9.58
CA VAL A 292 3.94 5.74 -10.49
C VAL A 292 3.52 4.41 -11.09
N CYS A 293 4.48 3.57 -11.47
CA CYS A 293 4.15 2.26 -12.02
C CYS A 293 3.41 1.39 -11.02
N ASP A 294 3.81 1.44 -9.75
CA ASP A 294 3.13 0.65 -8.73
C ASP A 294 1.70 1.12 -8.62
N GLU A 295 1.54 2.43 -8.50
CA GLU A 295 0.22 3.04 -8.39
C GLU A 295 -0.69 2.69 -9.56
N GLU A 296 -0.23 2.90 -10.77
CA GLU A 296 -1.06 2.62 -11.93
C GLU A 296 -1.34 1.14 -12.13
N ASP A 298 -1.83 -0.98 -9.61
CA ASP A 298 -2.90 -1.27 -8.67
C ASP A 298 -4.23 -0.79 -9.23
N LEU A 299 -4.24 0.42 -9.80
CA LEU A 299 -5.45 0.99 -10.38
C LEU A 299 -5.98 0.13 -11.54
N ALA A 300 -5.07 -0.44 -12.32
CA ALA A 300 -5.49 -1.28 -13.44
C ALA A 300 -6.28 -2.47 -12.89
N ILE A 301 -5.77 -3.05 -11.80
CA ILE A 301 -6.43 -4.18 -11.16
C ILE A 301 -7.76 -3.73 -10.56
N GLU A 302 -7.81 -2.48 -10.12
CA GLU A 302 -9.03 -1.92 -9.55
C GLU A 302 -10.07 -1.78 -10.65
N ALA A 303 -9.64 -1.30 -11.81
CA ALA A 303 -10.54 -1.13 -12.95
C ALA A 303 -11.07 -2.48 -13.41
N SER A 304 -10.21 -3.49 -13.34
CA SER A 304 -10.56 -4.85 -13.74
C SER A 304 -11.63 -5.46 -12.84
N GLU A 305 -11.36 -5.47 -11.53
CA GLU A 305 -12.30 -6.03 -10.57
C GLU A 305 -13.63 -5.28 -10.58
N ALA A 306 -13.57 -3.98 -10.87
CA ALA A 306 -14.79 -3.16 -10.92
C ALA A 306 -15.61 -3.57 -12.14
N ALA A 307 -14.93 -3.90 -13.23
CA ALA A 307 -15.58 -4.31 -14.47
C ALA A 307 -16.29 -5.65 -14.27
N GLU A 308 -15.55 -6.62 -13.74
CA GLU A 308 -16.10 -7.94 -13.48
C GLU A 308 -17.30 -7.90 -12.54
N GLN A 309 -17.42 -6.82 -11.77
CA GLN A 309 -18.53 -6.67 -10.84
C GLN A 309 -19.58 -5.75 -11.45
N GLY A 310 -19.39 -5.42 -12.74
CA GLY A 310 -20.33 -4.59 -13.46
C GLY A 310 -20.44 -3.14 -13.03
N ARG A 311 -19.32 -2.51 -12.68
CA ARG A 311 -19.36 -1.12 -12.27
C ARG A 311 -18.08 -0.35 -12.58
N PRO A 312 -18.17 1.00 -12.57
CA PRO A 312 -17.02 1.86 -12.84
C PRO A 312 -16.08 1.92 -11.63
N PRO A 313 -14.76 1.87 -11.87
CA PRO A 313 -13.79 1.93 -10.77
C PRO A 313 -13.94 3.22 -9.98
N GLU A 314 -13.79 3.13 -8.66
CA GLU A 314 -13.90 4.30 -7.80
C GLU A 314 -12.80 5.31 -8.12
N HIS A 315 -11.63 4.81 -8.52
CA HIS A 315 -10.50 5.65 -8.87
C HIS A 315 -9.97 5.21 -10.22
N THR A 316 -9.48 6.17 -11.00
CA THR A 316 -8.94 5.85 -12.32
C THR A 316 -7.52 6.38 -12.45
N SER A 317 -6.74 5.80 -13.36
CA SER A 317 -5.37 6.25 -13.57
C SER A 317 -5.29 7.22 -14.75
N LYS A 318 -4.30 8.10 -14.71
CA LYS A 318 -4.11 9.07 -15.78
C LYS A 318 -3.08 8.55 -16.77
N PHE A 319 -2.65 7.32 -16.54
CA PHE A 319 -1.68 6.65 -17.40
C PHE A 319 -0.41 7.45 -17.65
N TYR A 320 0.20 7.94 -16.58
CA TYR A 320 1.42 8.72 -16.69
C TYR A 320 2.59 7.90 -17.24
N ALA A 321 2.74 6.66 -16.77
CA ALA A 321 3.84 5.81 -17.25
C ALA A 321 3.76 5.58 -18.76
N LYS A 322 2.59 5.16 -19.23
CA LYS A 322 2.38 4.94 -20.64
C LYS A 322 2.76 6.18 -21.44
N GLY A 323 2.36 7.34 -20.94
CA GLY A 323 2.66 8.59 -21.61
C GLY A 323 4.13 8.98 -21.59
N ALA A 324 4.83 8.69 -20.50
CA ALA A 324 6.23 9.06 -20.41
C ALA A 324 7.18 8.04 -21.06
N LEU A 325 6.65 6.84 -21.32
CA LEU A 325 7.44 5.75 -21.90
C LEU A 325 8.53 6.10 -22.91
N GLN A 326 8.22 6.93 -23.90
CA GLN A 326 9.24 7.25 -24.88
C GLN A 326 10.35 8.12 -24.35
N TYR A 327 10.13 8.77 -23.20
CA TYR A 327 11.16 9.62 -22.61
C TYR A 327 11.95 8.85 -21.55
N LEU A 328 11.23 7.98 -20.82
CA LEU A 328 11.79 7.13 -19.76
C LEU A 328 12.78 6.07 -20.23
N VAL A 329 12.29 5.18 -21.10
CA VAL A 329 13.10 4.08 -21.61
C VAL A 329 14.50 4.41 -22.10
N PRO A 330 14.65 5.45 -22.93
CA PRO A 330 16.01 5.76 -23.39
C PRO A 330 16.95 6.12 -22.25
N ILE A 331 16.44 6.81 -21.24
CA ILE A 331 17.28 7.20 -20.10
C ILE A 331 17.60 5.97 -19.25
N LEU A 332 16.66 5.04 -19.15
CA LEU A 332 16.87 3.82 -18.37
C LEU A 332 17.88 2.86 -19.01
N THR A 333 17.76 2.60 -20.31
CA THR A 333 18.68 1.69 -20.97
C THR A 333 20.10 2.27 -20.97
N GLN A 334 20.20 3.58 -20.98
CA GLN A 334 21.50 4.23 -20.96
C GLN A 334 22.11 4.07 -19.58
N THR A 335 21.27 4.13 -18.56
CA THR A 335 21.75 3.97 -17.19
C THR A 335 22.24 2.53 -16.97
N LEU A 336 21.72 1.60 -17.77
CA LEU A 336 22.14 0.21 -17.66
C LEU A 336 23.61 0.04 -18.05
N THR A 337 24.16 1.04 -18.74
CA THR A 337 25.56 0.98 -19.17
C THR A 337 26.47 1.55 -18.08
N LYS A 338 25.88 1.89 -16.95
CA LYS A 338 26.62 2.45 -15.81
C LYS A 338 26.74 1.39 -14.71
N GLN A 339 26.77 0.12 -15.08
CA GLN A 339 26.87 -0.92 -14.08
C GLN A 339 28.22 -0.93 -13.40
N ASP A 340 28.20 -1.17 -12.10
CA ASP A 340 29.41 -1.22 -11.28
C ASP A 340 30.09 -2.53 -11.66
N GLU A 341 31.41 -2.58 -11.57
CA GLU A 341 32.14 -3.80 -11.92
C GLU A 341 31.75 -4.90 -10.92
N ASN A 342 30.53 -5.39 -11.11
CA ASN A 342 29.93 -6.43 -10.26
C ASN A 342 29.91 -6.03 -8.80
N ASP A 343 28.85 -5.30 -8.44
CA ASP A 343 28.56 -4.78 -7.10
C ASP A 343 29.44 -5.18 -5.91
N ASP A 344 29.43 -4.32 -4.90
CA ASP A 344 30.17 -4.56 -3.66
C ASP A 344 29.27 -5.54 -2.89
N ASP A 345 28.71 -6.48 -3.64
CA ASP A 345 27.80 -7.51 -3.15
C ASP A 345 26.37 -6.97 -3.09
N ASP A 346 25.88 -6.56 -4.27
CA ASP A 346 24.54 -6.03 -4.43
C ASP A 346 24.30 -4.66 -3.79
N ASP A 347 24.87 -3.62 -4.40
CA ASP A 347 24.68 -2.26 -3.92
C ASP A 347 23.46 -1.73 -4.66
N TRP A 348 22.76 -0.77 -4.08
CA TRP A 348 21.60 -0.23 -4.77
C TRP A 348 21.99 1.06 -5.48
N ASN A 349 22.50 0.92 -6.70
CA ASN A 349 22.88 2.07 -7.50
C ASN A 349 21.88 2.30 -8.65
N PRO A 350 22.01 3.43 -9.37
CA PRO A 350 21.10 3.74 -10.48
C PRO A 350 20.92 2.59 -11.46
N CYS A 351 22.02 1.92 -11.79
CA CYS A 351 21.97 0.82 -12.73
C CYS A 351 21.00 -0.28 -12.27
N LYS A 352 21.10 -0.69 -11.01
CA LYS A 352 20.21 -1.72 -10.52
C LYS A 352 18.76 -1.21 -10.39
N ALA A 353 18.58 0.04 -9.96
CA ALA A 353 17.24 0.62 -9.83
C ALA A 353 16.64 0.72 -11.22
N ALA A 354 17.42 1.23 -12.17
CA ALA A 354 16.99 1.36 -13.56
C ALA A 354 16.46 0.02 -14.08
N GLY A 355 17.23 -1.05 -13.88
CA GLY A 355 16.82 -2.35 -14.34
C GLY A 355 15.47 -2.75 -13.76
N VAL A 356 15.29 -2.51 -12.46
CA VAL A 356 14.03 -2.81 -11.79
C VAL A 356 12.93 -1.97 -12.41
N CYS A 357 13.19 -0.68 -12.59
CA CYS A 357 12.21 0.23 -13.18
C CYS A 357 11.80 -0.25 -14.59
N LEU A 358 12.76 -0.69 -15.40
CA LEU A 358 12.42 -1.19 -16.73
C LEU A 358 11.45 -2.36 -16.64
N LEU A 360 9.27 -3.01 -14.13
CA LEU A 360 7.97 -2.49 -13.69
C LEU A 360 7.28 -1.85 -14.89
N LEU A 361 8.07 -1.08 -15.63
CA LEU A 361 7.58 -0.41 -16.82
C LEU A 361 7.03 -1.41 -17.83
N SER A 362 7.68 -2.57 -17.94
CA SER A 362 7.23 -3.59 -18.89
C SER A 362 5.90 -4.22 -18.49
N THR A 363 5.74 -4.49 -17.21
CA THR A 363 4.51 -5.11 -16.74
C THR A 363 3.39 -4.09 -16.67
N CYS A 364 3.75 -2.82 -16.62
CA CYS A 364 2.77 -1.77 -16.56
C CYS A 364 2.30 -1.36 -17.96
N CYS A 365 3.21 -1.24 -18.91
CA CYS A 365 2.84 -0.79 -20.25
C CYS A 365 2.81 -1.92 -21.26
N GLU A 366 3.20 -3.09 -20.80
CA GLU A 366 3.25 -4.27 -21.64
C GLU A 366 3.60 -4.01 -23.12
N ASP A 367 2.76 -4.53 -23.98
CA ASP A 367 2.93 -4.42 -25.41
C ASP A 367 3.81 -3.29 -25.93
N ASP A 368 3.52 -2.09 -25.45
CA ASP A 368 4.17 -0.84 -25.85
C ASP A 368 5.66 -0.70 -25.58
N ILE A 369 6.12 -1.27 -24.48
CA ILE A 369 7.52 -1.15 -24.12
C ILE A 369 8.49 -1.81 -25.09
N VAL A 370 8.04 -2.89 -25.73
CA VAL A 370 8.88 -3.63 -26.66
C VAL A 370 9.45 -2.76 -27.79
N PRO A 371 8.59 -2.02 -28.49
CA PRO A 371 9.10 -1.16 -29.58
C PRO A 371 10.20 -0.19 -29.13
N HIS A 372 10.13 0.23 -27.88
CA HIS A 372 11.07 1.18 -27.31
C HIS A 372 12.40 0.57 -26.87
N VAL A 373 12.39 -0.71 -26.53
CA VAL A 373 13.60 -1.38 -26.05
C VAL A 373 14.39 -2.13 -27.15
N LEU A 374 13.68 -2.82 -28.03
CA LEU A 374 14.33 -3.58 -29.09
C LEU A 374 15.49 -2.89 -29.80
N PRO A 375 15.27 -1.65 -30.28
CA PRO A 375 16.36 -0.94 -30.97
C PRO A 375 17.68 -0.93 -30.19
N PHE A 376 17.59 -0.64 -28.89
CA PHE A 376 18.78 -0.59 -28.04
C PHE A 376 19.44 -1.94 -28.00
N ILE A 377 18.61 -2.98 -27.82
CA ILE A 377 19.11 -4.35 -27.75
C ILE A 377 19.83 -4.74 -29.03
N LYS A 378 19.11 -4.72 -30.15
CA LYS A 378 19.70 -5.08 -31.43
C LYS A 378 20.97 -4.29 -31.74
N GLU A 379 21.02 -3.04 -31.30
CA GLU A 379 22.18 -2.20 -31.55
C GLU A 379 23.38 -2.52 -30.68
N HIS A 380 23.17 -2.94 -29.45
CA HIS A 380 24.28 -3.21 -28.56
C HIS A 380 24.52 -4.66 -28.15
N ILE A 381 23.62 -5.55 -28.56
CA ILE A 381 23.77 -6.96 -28.21
C ILE A 381 25.16 -7.47 -28.60
N LYS A 382 25.72 -6.90 -29.66
CA LYS A 382 27.04 -7.31 -30.13
C LYS A 382 28.04 -6.17 -30.08
N ASN A 383 28.01 -5.38 -29.01
CA ASN A 383 28.92 -4.25 -28.88
C ASN A 383 30.21 -4.64 -28.18
N PRO A 384 31.36 -4.20 -28.71
CA PRO A 384 32.68 -4.48 -28.15
C PRO A 384 32.81 -4.05 -26.69
N ASP A 385 32.07 -3.02 -26.32
CA ASP A 385 32.10 -2.50 -24.95
C ASP A 385 31.20 -3.39 -24.09
N TRP A 386 31.79 -4.09 -23.12
CA TRP A 386 31.02 -4.97 -22.27
C TRP A 386 29.87 -4.26 -21.54
N ARG A 387 30.09 -3.00 -21.16
CA ARG A 387 29.06 -2.22 -20.48
C ARG A 387 27.78 -2.10 -21.29
N TYR A 388 27.93 -1.97 -22.61
CA TYR A 388 26.76 -1.86 -23.47
C TYR A 388 26.24 -3.25 -23.82
N ARG A 389 27.16 -4.20 -23.99
CA ARG A 389 26.78 -5.56 -24.33
C ARG A 389 25.94 -6.12 -23.19
N ASP A 390 26.41 -5.92 -21.96
CA ASP A 390 25.69 -6.39 -20.78
C ASP A 390 24.32 -5.72 -20.67
N ALA A 391 24.30 -4.39 -20.82
CA ALA A 391 23.07 -3.60 -20.75
C ALA A 391 22.03 -4.10 -21.73
N ALA A 392 22.48 -4.51 -22.90
CA ALA A 392 21.59 -5.00 -23.94
C ALA A 392 20.95 -6.33 -23.51
N VAL A 393 21.76 -7.18 -22.89
CA VAL A 393 21.29 -8.48 -22.42
C VAL A 393 20.26 -8.26 -21.29
N ALA A 395 18.49 -5.55 -20.63
CA ALA A 395 17.27 -4.95 -21.16
C ALA A 395 16.38 -6.00 -21.82
N PHE A 396 16.96 -6.93 -22.57
CA PHE A 396 16.15 -7.95 -23.21
C PHE A 396 15.45 -8.81 -22.16
N GLY A 397 16.15 -9.12 -21.08
CA GLY A 397 15.55 -9.91 -20.03
C GLY A 397 14.48 -9.15 -19.26
N SER A 398 14.62 -7.83 -19.19
CA SER A 398 13.70 -6.96 -18.47
C SER A 398 12.30 -6.82 -19.04
N ILE A 399 12.14 -7.09 -20.32
CA ILE A 399 10.84 -6.95 -20.96
C ILE A 399 10.10 -8.25 -21.20
N LEU A 400 10.63 -9.36 -20.68
CA LEU A 400 9.99 -10.66 -20.92
C LEU A 400 8.66 -10.85 -20.19
N GLU A 401 8.43 -10.10 -19.13
CA GLU A 401 7.19 -10.22 -18.40
C GLU A 401 6.34 -8.96 -18.56
N GLY A 402 5.15 -9.14 -19.13
CA GLY A 402 4.28 -8.02 -19.37
C GLY A 402 3.75 -8.04 -20.79
N PRO A 403 4.63 -7.87 -21.80
CA PRO A 403 4.19 -7.89 -23.20
C PRO A 403 3.54 -9.22 -23.54
N GLU A 404 2.85 -9.26 -24.68
CA GLU A 404 2.19 -10.49 -25.10
C GLU A 404 3.24 -11.55 -25.46
N PRO A 405 3.05 -12.78 -24.97
CA PRO A 405 3.99 -13.88 -25.23
C PRO A 405 4.25 -14.09 -26.71
N ASN A 406 3.18 -14.08 -27.51
CA ASN A 406 3.30 -14.29 -28.94
C ASN A 406 4.15 -13.22 -29.63
N GLN A 407 4.42 -12.13 -28.92
CA GLN A 407 5.21 -11.05 -29.45
C GLN A 407 6.68 -11.20 -29.04
N LEU A 408 6.90 -11.92 -27.94
CA LEU A 408 8.24 -12.14 -27.44
C LEU A 408 8.88 -13.42 -27.96
N LYS A 409 8.09 -14.47 -28.14
CA LYS A 409 8.59 -15.75 -28.64
C LYS A 409 9.52 -15.61 -29.83
N PRO A 410 9.09 -14.88 -30.88
CA PRO A 410 9.95 -14.71 -32.06
C PRO A 410 11.25 -13.99 -31.73
N LEU A 411 11.19 -13.07 -30.78
CA LEU A 411 12.39 -12.34 -30.40
C LEU A 411 13.36 -13.29 -29.71
N VAL A 412 12.81 -14.19 -28.89
CA VAL A 412 13.63 -15.17 -28.18
C VAL A 412 14.29 -16.12 -29.16
N ILE A 413 13.49 -16.68 -30.05
CA ILE A 413 14.00 -17.60 -31.06
C ILE A 413 15.17 -16.96 -31.79
N GLN A 414 14.95 -15.73 -32.23
CA GLN A 414 15.95 -14.97 -32.97
C GLN A 414 17.17 -14.59 -32.14
N ALA A 415 17.04 -14.53 -30.82
CA ALA A 415 18.16 -14.14 -29.98
C ALA A 415 18.89 -15.27 -29.23
N PRO A 417 20.51 -17.99 -30.03
CA PRO A 417 21.87 -18.32 -30.45
C PRO A 417 22.90 -17.35 -29.88
N THR A 418 22.57 -16.06 -29.89
CA THR A 418 23.49 -15.07 -29.36
C THR A 418 23.61 -15.25 -27.85
N LEU A 419 22.49 -15.51 -27.19
CA LEU A 419 22.50 -15.70 -25.74
C LEU A 419 23.37 -16.90 -25.37
N ILE A 420 23.17 -18.02 -26.06
CA ILE A 420 23.98 -19.21 -25.80
C ILE A 420 25.46 -18.87 -26.00
N GLU A 421 25.75 -18.05 -27.02
CA GLU A 421 27.13 -17.66 -27.26
C GLU A 421 27.62 -16.73 -26.17
N LEU A 422 26.74 -15.85 -25.70
CA LEU A 422 27.08 -14.88 -24.65
C LEU A 422 27.39 -15.57 -23.33
N LYS A 424 29.33 -17.74 -22.97
CA LYS A 424 30.77 -17.97 -23.00
C LYS A 424 31.55 -16.67 -23.21
N ASP A 425 30.88 -15.55 -22.97
CA ASP A 425 31.48 -14.22 -23.12
C ASP A 425 32.69 -14.01 -22.21
N PRO A 426 33.68 -13.24 -22.68
CA PRO A 426 34.89 -12.94 -21.92
C PRO A 426 34.61 -12.26 -20.57
N SER A 427 33.58 -11.41 -20.55
CA SER A 427 33.22 -10.68 -19.34
C SER A 427 32.35 -11.49 -18.37
N VAL A 428 32.77 -11.53 -17.12
CA VAL A 428 32.06 -12.25 -16.06
C VAL A 428 30.65 -11.66 -15.93
N VAL A 429 30.61 -10.33 -15.86
CA VAL A 429 29.35 -9.59 -15.74
C VAL A 429 28.37 -9.96 -16.86
N VAL A 430 28.86 -10.00 -18.09
CA VAL A 430 28.02 -10.33 -19.23
C VAL A 430 27.49 -11.74 -19.11
N ARG A 431 28.35 -12.66 -18.69
CA ARG A 431 27.96 -14.06 -18.53
C ARG A 431 26.83 -14.20 -17.50
N ASP A 432 27.04 -13.60 -16.32
CA ASP A 432 26.05 -13.65 -15.25
C ASP A 432 24.69 -13.12 -15.70
N THR A 433 24.68 -11.90 -16.24
CA THR A 433 23.44 -11.29 -16.70
C THR A 433 22.76 -12.17 -17.76
N THR A 434 23.59 -12.79 -18.60
CA THR A 434 23.07 -13.64 -19.67
C THR A 434 22.35 -14.84 -19.07
N ALA A 435 22.92 -15.40 -18.02
CA ALA A 435 22.32 -16.55 -17.34
C ALA A 435 20.96 -16.15 -16.77
N TRP A 436 20.90 -14.93 -16.25
CA TRP A 436 19.66 -14.42 -15.69
C TRP A 436 18.59 -14.29 -16.78
N THR A 437 18.95 -13.68 -17.91
CA THR A 437 17.98 -13.50 -18.99
C THR A 437 17.48 -14.82 -19.57
N VAL A 438 18.38 -15.79 -19.73
CA VAL A 438 17.96 -17.08 -20.26
C VAL A 438 17.01 -17.68 -19.21
N GLY A 439 17.33 -17.44 -17.93
CA GLY A 439 16.48 -17.93 -16.87
C GLY A 439 15.11 -17.30 -17.00
N ARG A 440 15.08 -15.99 -17.24
CA ARG A 440 13.83 -15.27 -17.40
C ARG A 440 13.05 -15.90 -18.56
N ILE A 441 13.77 -16.35 -19.58
CA ILE A 441 13.12 -16.99 -20.72
C ILE A 441 12.61 -18.38 -20.37
N CYS A 442 13.51 -19.24 -19.87
CA CYS A 442 13.15 -20.60 -19.47
C CYS A 442 11.95 -20.49 -18.50
N GLU A 443 11.91 -19.39 -17.77
CA GLU A 443 10.89 -19.11 -16.76
C GLU A 443 9.54 -18.55 -17.25
N LEU A 444 9.59 -17.52 -18.08
CA LEU A 444 8.39 -16.85 -18.59
C LEU A 444 7.87 -17.39 -19.91
N LEU A 445 8.79 -17.86 -20.76
CA LEU A 445 8.44 -18.40 -22.06
C LEU A 445 9.05 -19.80 -22.26
N PRO A 446 8.63 -20.78 -21.46
CA PRO A 446 9.14 -22.15 -21.54
C PRO A 446 9.19 -22.74 -22.94
N GLU A 447 8.07 -22.74 -23.64
CA GLU A 447 8.03 -23.30 -24.98
C GLU A 447 9.11 -22.76 -25.91
N ALA A 448 9.26 -21.44 -25.99
CA ALA A 448 10.25 -20.84 -26.87
C ALA A 448 11.69 -21.27 -26.56
N ALA A 449 11.91 -21.82 -25.37
CA ALA A 449 13.23 -22.26 -24.97
C ALA A 449 13.35 -23.77 -25.08
N ILE A 450 12.48 -24.49 -24.37
CA ILE A 450 12.47 -25.94 -24.40
C ILE A 450 12.75 -26.53 -25.78
N ASN A 451 12.18 -25.93 -26.81
CA ASN A 451 12.38 -26.44 -28.16
C ASN A 451 13.64 -25.90 -28.83
N ASP A 452 14.28 -24.89 -28.24
CA ASP A 452 15.48 -24.28 -28.81
C ASP A 452 16.80 -24.39 -28.03
N VAL A 453 16.77 -24.98 -26.84
CA VAL A 453 18.02 -25.13 -26.09
C VAL A 453 18.13 -26.51 -25.41
N TYR A 454 19.37 -26.90 -25.14
CA TYR A 454 19.67 -28.17 -24.51
C TYR A 454 20.62 -27.97 -23.34
N LEU A 455 20.31 -28.63 -22.22
CA LEU A 455 21.20 -28.54 -21.08
C LEU A 455 22.02 -29.82 -21.13
N VAL A 456 23.33 -29.65 -21.13
CA VAL A 456 24.23 -30.77 -21.21
C VAL A 456 25.04 -30.77 -19.94
N PRO A 457 25.01 -31.89 -19.21
CA PRO A 457 25.78 -31.93 -17.96
C PRO A 457 27.27 -31.68 -18.20
N ASN A 458 27.88 -30.92 -17.31
CA ASN A 458 29.31 -30.63 -17.40
C ASN A 458 30.06 -31.90 -17.02
N SER A 459 30.82 -32.45 -17.98
CA SER A 459 31.59 -33.66 -17.73
C SER A 459 32.92 -33.32 -17.07
N SER A 460 33.21 -32.03 -16.96
CA SER A 460 34.45 -31.54 -16.36
C SER A 460 34.65 -32.11 -14.96
N PRO B 1 -56.20 18.40 -13.43
CA PRO B 1 -55.16 17.38 -13.66
C PRO B 1 -55.73 16.08 -14.22
N ASP B 2 -54.85 15.24 -14.76
CA ASP B 2 -55.24 13.96 -15.34
C ASP B 2 -54.17 12.89 -15.10
N TYR B 3 -54.63 11.67 -14.82
CA TYR B 3 -53.73 10.56 -14.56
C TYR B 3 -53.08 10.06 -15.86
N ALA B 4 -53.57 10.55 -17.00
CA ALA B 4 -53.01 10.16 -18.29
C ALA B 4 -51.50 10.33 -18.20
N SER B 5 -51.08 11.24 -17.33
CA SER B 5 -49.68 11.52 -17.09
C SER B 5 -48.92 10.21 -16.86
N GLY B 6 -49.12 9.63 -15.68
CA GLY B 6 -48.46 8.39 -15.34
C GLY B 6 -48.82 7.21 -16.22
N GLU B 8 -49.39 6.97 -19.56
CA GLU B 8 -48.56 6.89 -20.76
C GLU B 8 -47.12 6.61 -20.38
N LEU B 9 -46.65 7.25 -19.31
CA LEU B 9 -45.28 7.06 -18.85
C LEU B 9 -45.04 5.56 -18.69
N ILE B 10 -45.94 4.89 -17.97
CA ILE B 10 -45.85 3.45 -17.73
C ILE B 10 -45.91 2.65 -19.02
N THR B 11 -46.63 3.16 -20.01
CA THR B 11 -46.75 2.45 -21.28
C THR B 11 -45.43 2.51 -22.04
N ILE B 12 -44.80 3.67 -22.02
CA ILE B 12 -43.53 3.86 -22.70
C ILE B 12 -42.41 3.12 -21.95
N LEU B 13 -42.44 3.18 -20.62
CA LEU B 13 -41.43 2.50 -19.81
C LEU B 13 -41.41 1.02 -20.15
N GLU B 14 -42.57 0.47 -20.51
CA GLU B 14 -42.66 -0.94 -20.84
C GLU B 14 -42.23 -1.24 -22.28
N LYS B 15 -42.07 -0.21 -23.09
CA LYS B 15 -41.65 -0.39 -24.48
C LYS B 15 -40.13 -0.40 -24.63
N THR B 16 -39.42 0.13 -23.63
CA THR B 16 -37.96 0.16 -23.68
C THR B 16 -37.44 -1.27 -23.63
N VAL B 17 -38.37 -2.22 -23.55
CA VAL B 17 -38.04 -3.64 -23.49
C VAL B 17 -38.79 -4.37 -24.61
N SER B 18 -39.37 -3.60 -25.53
CA SER B 18 -40.11 -4.15 -26.66
C SER B 18 -39.20 -4.82 -27.69
N PRO B 19 -39.61 -5.99 -28.20
CA PRO B 19 -38.83 -6.72 -29.19
C PRO B 19 -38.74 -5.94 -30.50
N ASP B 20 -39.52 -4.86 -30.59
CA ASP B 20 -39.53 -4.01 -31.77
C ASP B 20 -38.49 -2.91 -31.68
N ARG B 21 -37.96 -2.52 -32.84
CA ARG B 21 -36.95 -1.47 -32.89
C ARG B 21 -37.58 -0.08 -32.79
N LEU B 22 -38.65 0.14 -33.54
CA LEU B 22 -39.35 1.43 -33.54
C LEU B 22 -39.80 1.84 -32.15
N GLU B 23 -40.57 0.98 -31.49
CA GLU B 23 -41.07 1.27 -30.15
C GLU B 23 -39.95 1.48 -29.16
N LEU B 24 -38.95 0.60 -29.18
CA LEU B 24 -37.82 0.71 -28.27
C LEU B 24 -37.15 2.07 -28.51
N GLU B 25 -37.04 2.45 -29.78
CA GLU B 25 -36.41 3.72 -30.12
C GLU B 25 -37.27 4.92 -29.70
N ALA B 26 -38.55 4.91 -30.09
CA ALA B 26 -39.45 6.00 -29.73
C ALA B 26 -39.54 6.13 -28.21
N ALA B 27 -39.48 4.99 -27.53
CA ALA B 27 -39.55 4.95 -26.07
C ALA B 27 -38.45 5.79 -25.44
N GLN B 28 -37.21 5.53 -25.84
CA GLN B 28 -36.06 6.25 -25.31
C GLN B 28 -36.06 7.72 -25.72
N LYS B 29 -36.56 8.00 -26.93
CA LYS B 29 -36.60 9.38 -27.40
C LYS B 29 -37.54 10.19 -26.52
N PHE B 30 -38.68 9.61 -26.17
CA PHE B 30 -39.67 10.29 -25.33
C PHE B 30 -39.10 10.52 -23.93
N LEU B 31 -38.58 9.45 -23.34
CA LEU B 31 -38.01 9.49 -21.99
C LEU B 31 -36.96 10.58 -21.87
N GLU B 32 -36.02 10.57 -22.81
CA GLU B 32 -34.95 11.56 -22.84
C GLU B 32 -35.53 12.96 -22.99
N ARG B 33 -36.53 13.08 -23.86
CA ARG B 33 -37.17 14.37 -24.09
C ARG B 33 -37.84 14.89 -22.83
N ALA B 34 -38.53 14.00 -22.12
CA ALA B 34 -39.22 14.37 -20.89
C ALA B 34 -38.22 14.86 -19.85
N ALA B 35 -37.03 14.26 -19.85
CA ALA B 35 -35.98 14.64 -18.92
C ALA B 35 -35.64 16.10 -19.21
N VAL B 36 -35.33 16.38 -20.47
CA VAL B 36 -35.00 17.72 -20.92
C VAL B 36 -36.17 18.66 -20.62
N GLU B 37 -37.35 18.28 -21.08
CA GLU B 37 -38.57 19.08 -20.89
C GLU B 37 -38.65 19.61 -19.45
N ASN B 38 -38.72 18.71 -18.48
CA ASN B 38 -38.80 19.08 -17.08
C ASN B 38 -38.38 17.91 -16.21
N LEU B 39 -37.09 17.84 -15.92
CA LEU B 39 -36.53 16.75 -15.12
C LEU B 39 -37.15 16.55 -13.72
N PRO B 40 -37.18 17.60 -12.88
CA PRO B 40 -37.76 17.45 -11.54
C PRO B 40 -39.11 16.72 -11.49
N THR B 41 -39.99 17.04 -12.44
CA THR B 41 -41.30 16.41 -12.50
C THR B 41 -41.17 15.00 -13.06
N PHE B 42 -40.21 14.83 -13.97
CA PHE B 42 -39.95 13.54 -14.60
C PHE B 42 -39.53 12.51 -13.55
N LEU B 43 -38.57 12.89 -12.71
CA LEU B 43 -38.09 12.00 -11.68
C LEU B 43 -39.15 11.73 -10.61
N VAL B 44 -39.99 12.72 -10.33
CA VAL B 44 -41.05 12.54 -9.34
C VAL B 44 -42.07 11.54 -9.88
N GLU B 45 -42.35 11.62 -11.18
CA GLU B 45 -43.29 10.73 -11.83
C GLU B 45 -42.74 9.31 -11.92
N LEU B 46 -41.43 9.18 -12.01
CA LEU B 46 -40.81 7.87 -12.11
C LEU B 46 -40.76 7.21 -10.73
N SER B 47 -40.46 8.00 -9.71
CA SER B 47 -40.40 7.49 -8.34
C SER B 47 -41.78 7.01 -7.88
N ARG B 48 -42.81 7.38 -8.63
CA ARG B 48 -44.17 7.00 -8.31
C ARG B 48 -44.53 5.67 -8.97
N VAL B 49 -43.99 5.44 -10.17
CA VAL B 49 -44.24 4.19 -10.88
C VAL B 49 -43.40 3.10 -10.22
N LEU B 50 -42.27 3.50 -9.64
CA LEU B 50 -41.39 2.56 -8.96
C LEU B 50 -42.00 2.10 -7.64
N ALA B 51 -42.43 3.06 -6.83
CA ALA B 51 -43.02 2.77 -5.53
C ALA B 51 -44.40 2.09 -5.62
N ASN B 52 -44.95 1.98 -6.82
CA ASN B 52 -46.26 1.36 -6.98
C ASN B 52 -46.20 -0.15 -7.20
N PRO B 53 -46.53 -0.93 -6.17
CA PRO B 53 -46.49 -2.40 -6.28
C PRO B 53 -47.50 -2.95 -7.30
N GLY B 54 -48.45 -2.10 -7.70
CA GLY B 54 -49.43 -2.52 -8.66
C GLY B 54 -48.88 -2.58 -10.07
N ASN B 55 -47.87 -1.76 -10.34
CA ASN B 55 -47.25 -1.71 -11.66
C ASN B 55 -46.49 -2.98 -11.98
N SER B 56 -46.42 -3.32 -13.26
CA SER B 56 -45.71 -4.53 -13.69
C SER B 56 -44.22 -4.44 -13.37
N GLN B 57 -43.59 -5.59 -13.18
CA GLN B 57 -42.17 -5.64 -12.85
C GLN B 57 -41.35 -4.81 -13.85
N VAL B 58 -41.59 -5.05 -15.14
CA VAL B 58 -40.87 -4.33 -16.19
C VAL B 58 -40.93 -2.81 -16.01
N ALA B 59 -42.12 -2.28 -15.76
CA ALA B 59 -42.31 -0.84 -15.60
C ALA B 59 -41.57 -0.28 -14.40
N ARG B 60 -41.55 -1.05 -13.31
CA ARG B 60 -40.89 -0.61 -12.09
C ARG B 60 -39.37 -0.61 -12.23
N VAL B 61 -38.83 -1.66 -12.84
CA VAL B 61 -37.39 -1.74 -13.03
C VAL B 61 -36.96 -0.66 -14.03
N ALA B 62 -37.73 -0.51 -15.11
CA ALA B 62 -37.43 0.50 -16.12
C ALA B 62 -37.48 1.89 -15.48
N ALA B 63 -38.35 2.05 -14.49
CA ALA B 63 -38.48 3.33 -13.80
C ALA B 63 -37.25 3.57 -12.93
N GLY B 64 -36.83 2.52 -12.22
CA GLY B 64 -35.66 2.64 -11.36
C GLY B 64 -34.44 2.98 -12.21
N LEU B 65 -34.28 2.24 -13.30
CA LEU B 65 -33.16 2.45 -14.23
C LEU B 65 -33.04 3.91 -14.67
N GLN B 66 -34.16 4.50 -15.09
CA GLN B 66 -34.18 5.90 -15.52
C GLN B 66 -33.74 6.81 -14.39
N ILE B 67 -34.25 6.55 -13.19
CA ILE B 67 -33.91 7.34 -12.01
C ILE B 67 -32.41 7.17 -11.73
N LYS B 68 -31.93 5.95 -11.92
CA LYS B 68 -30.52 5.63 -11.70
C LYS B 68 -29.60 6.41 -12.64
N ASN B 69 -29.82 6.24 -13.94
CA ASN B 69 -29.01 6.90 -14.95
C ASN B 69 -29.11 8.43 -14.91
N SER B 70 -29.89 8.94 -13.98
CA SER B 70 -30.05 10.38 -13.85
C SER B 70 -29.14 10.91 -12.75
N LEU B 71 -28.68 10.02 -11.88
CA LEU B 71 -27.81 10.46 -10.80
C LEU B 71 -26.38 9.93 -10.84
N THR B 72 -26.11 8.97 -11.73
CA THR B 72 -24.75 8.42 -11.81
C THR B 72 -24.36 8.07 -13.24
N SER B 73 -23.05 7.87 -13.44
CA SER B 73 -22.51 7.52 -14.74
C SER B 73 -21.15 6.85 -14.59
N LYS B 74 -20.78 6.03 -15.57
CA LYS B 74 -19.50 5.33 -15.57
C LYS B 74 -18.35 6.34 -15.65
N ASP B 75 -18.67 7.55 -16.13
CA ASP B 75 -17.68 8.61 -16.27
C ASP B 75 -17.68 9.52 -15.06
N PRO B 76 -16.60 9.46 -14.25
CA PRO B 76 -16.44 10.26 -13.04
C PRO B 76 -16.84 11.72 -13.21
N ASP B 77 -16.58 12.28 -14.39
CA ASP B 77 -16.92 13.67 -14.65
C ASP B 77 -18.42 13.84 -14.90
N ILE B 78 -19.01 12.96 -15.70
CA ILE B 78 -20.44 13.01 -15.99
C ILE B 78 -21.22 12.76 -14.69
N LYS B 79 -20.78 11.76 -13.94
CA LYS B 79 -21.41 11.41 -12.68
C LYS B 79 -21.38 12.61 -11.72
N ALA B 80 -20.33 13.43 -11.85
CA ALA B 80 -20.16 14.60 -11.00
C ALA B 80 -21.17 15.71 -11.32
N GLN B 81 -21.50 15.85 -12.60
CA GLN B 81 -22.47 16.86 -13.01
C GLN B 81 -23.90 16.45 -12.68
N TYR B 82 -24.18 15.15 -12.74
CA TYR B 82 -25.52 14.65 -12.42
C TYR B 82 -25.84 14.94 -10.96
N GLN B 83 -24.85 14.74 -10.10
CA GLN B 83 -25.02 14.99 -8.67
C GLN B 83 -25.23 16.48 -8.40
N GLN B 84 -24.65 17.32 -9.25
CA GLN B 84 -24.82 18.76 -9.09
C GLN B 84 -26.19 19.15 -9.68
N ARG B 85 -26.55 18.47 -10.76
CA ARG B 85 -27.82 18.70 -11.45
C ARG B 85 -28.96 18.29 -10.53
N TRP B 86 -28.71 17.26 -9.72
CA TRP B 86 -29.69 16.76 -8.77
C TRP B 86 -29.83 17.75 -7.62
N LEU B 87 -28.70 18.12 -7.02
CA LEU B 87 -28.72 19.07 -5.91
C LEU B 87 -29.33 20.38 -6.37
N ALA B 88 -29.41 20.55 -7.69
CA ALA B 88 -29.99 21.75 -8.30
C ALA B 88 -31.50 21.82 -8.08
N ILE B 89 -32.19 20.70 -8.30
CA ILE B 89 -33.64 20.65 -8.13
C ILE B 89 -33.98 21.06 -6.69
N ASP B 90 -35.07 21.80 -6.53
CA ASP B 90 -35.48 22.27 -5.19
C ASP B 90 -35.86 21.15 -4.24
N ALA B 91 -35.40 21.30 -3.00
CA ALA B 91 -35.63 20.34 -1.94
C ALA B 91 -37.00 19.66 -1.95
N ASN B 92 -38.05 20.41 -2.26
CA ASN B 92 -39.40 19.85 -2.27
C ASN B 92 -39.61 18.71 -3.27
N ALA B 93 -39.17 18.91 -4.50
CA ALA B 93 -39.33 17.87 -5.51
C ALA B 93 -38.44 16.67 -5.20
N ARG B 94 -37.41 16.90 -4.39
CA ARG B 94 -36.49 15.84 -4.01
C ARG B 94 -36.99 15.01 -2.82
N ARG B 95 -37.54 15.67 -1.81
CA ARG B 95 -38.07 14.95 -0.65
C ARG B 95 -39.15 13.99 -1.12
N GLU B 96 -39.87 14.39 -2.17
CA GLU B 96 -40.93 13.58 -2.74
C GLU B 96 -40.33 12.28 -3.31
N VAL B 97 -39.33 12.42 -4.16
CA VAL B 97 -38.67 11.29 -4.78
C VAL B 97 -37.94 10.42 -3.75
N LYS B 98 -37.27 11.07 -2.80
CA LYS B 98 -36.55 10.32 -1.77
C LYS B 98 -37.50 9.47 -0.94
N ASN B 99 -38.67 10.02 -0.61
CA ASN B 99 -39.65 9.28 0.17
C ASN B 99 -40.22 8.10 -0.62
N TYR B 100 -40.53 8.32 -1.89
CA TYR B 100 -41.07 7.23 -2.73
C TYR B 100 -40.06 6.11 -2.87
N VAL B 101 -38.79 6.48 -3.07
CA VAL B 101 -37.75 5.47 -3.20
C VAL B 101 -37.69 4.65 -1.91
N LEU B 102 -37.51 5.33 -0.77
CA LEU B 102 -37.44 4.62 0.50
C LEU B 102 -38.66 3.76 0.77
N GLN B 103 -39.81 4.17 0.26
CA GLN B 103 -41.03 3.39 0.48
C GLN B 103 -41.13 2.20 -0.47
N THR B 104 -40.21 2.13 -1.43
CA THR B 104 -40.19 1.02 -2.38
C THR B 104 -39.43 -0.16 -1.78
N LEU B 105 -38.59 0.12 -0.79
CA LEU B 105 -37.81 -0.91 -0.12
C LEU B 105 -38.73 -1.92 0.54
N GLY B 106 -38.71 -3.15 0.04
CA GLY B 106 -39.55 -4.20 0.61
C GLY B 106 -40.82 -4.46 -0.19
N THR B 107 -41.19 -3.51 -1.06
CA THR B 107 -42.38 -3.65 -1.89
C THR B 107 -42.08 -4.27 -3.24
N GLU B 108 -40.86 -4.75 -3.42
CA GLU B 108 -40.45 -5.37 -4.67
C GLU B 108 -40.41 -6.89 -4.52
N THR B 109 -40.74 -7.61 -5.60
CA THR B 109 -40.74 -9.07 -5.57
C THR B 109 -39.58 -9.64 -6.40
N TYR B 110 -39.17 -8.88 -7.42
CA TYR B 110 -38.07 -9.31 -8.27
C TYR B 110 -36.73 -9.33 -7.52
N ARG B 111 -35.82 -10.19 -7.95
CA ARG B 111 -34.52 -10.34 -7.28
C ARG B 111 -33.75 -9.04 -7.07
N PRO B 112 -33.18 -8.46 -8.14
CA PRO B 112 -32.43 -7.21 -7.91
C PRO B 112 -33.34 -6.03 -7.55
N SER B 113 -33.11 -5.43 -6.38
CA SER B 113 -33.88 -4.28 -5.93
C SER B 113 -33.45 -3.04 -6.70
N SER B 114 -34.37 -2.43 -7.44
CA SER B 114 -34.06 -1.24 -8.21
C SER B 114 -34.10 0.00 -7.34
N ALA B 115 -34.72 -0.12 -6.17
CA ALA B 115 -34.83 1.00 -5.26
C ALA B 115 -33.53 1.27 -4.56
N SER B 116 -32.80 0.21 -4.23
CA SER B 116 -31.52 0.31 -3.54
C SER B 116 -30.49 1.12 -4.32
N GLN B 117 -30.46 0.92 -5.63
CA GLN B 117 -29.52 1.64 -6.47
C GLN B 117 -29.85 3.12 -6.47
N CYS B 118 -31.15 3.41 -6.48
CA CYS B 118 -31.62 4.78 -6.45
C CYS B 118 -31.31 5.45 -5.12
N VAL B 119 -31.36 4.69 -4.04
CA VAL B 119 -31.05 5.24 -2.72
C VAL B 119 -29.59 5.64 -2.70
N ALA B 120 -28.75 4.76 -3.26
CA ALA B 120 -27.31 4.99 -3.32
C ALA B 120 -26.97 6.21 -4.20
N GLY B 121 -27.63 6.31 -5.36
CA GLY B 121 -27.37 7.43 -6.25
C GLY B 121 -27.65 8.78 -5.62
N ILE B 122 -28.74 8.85 -4.87
CA ILE B 122 -29.13 10.09 -4.21
C ILE B 122 -28.29 10.31 -2.96
N ALA B 123 -27.97 9.24 -2.24
CA ALA B 123 -27.16 9.35 -1.03
C ALA B 123 -25.77 9.90 -1.37
N CYS B 124 -25.21 9.43 -2.48
CA CYS B 124 -23.89 9.87 -2.92
C CYS B 124 -23.83 11.38 -3.11
N ALA B 125 -24.96 11.96 -3.52
CA ALA B 125 -25.02 13.39 -3.76
C ALA B 125 -25.48 14.22 -2.57
N GLU B 126 -26.42 13.70 -1.80
CA GLU B 126 -26.94 14.45 -0.67
C GLU B 126 -26.18 14.28 0.65
N ILE B 127 -25.63 13.10 0.89
CA ILE B 127 -24.90 12.84 2.13
C ILE B 127 -23.68 13.76 2.30
N PRO B 128 -22.93 14.01 1.21
CA PRO B 128 -21.75 14.88 1.30
C PRO B 128 -22.06 16.33 1.72
N VAL B 129 -23.35 16.69 1.71
CA VAL B 129 -23.79 18.02 2.08
C VAL B 129 -24.80 17.97 3.22
N SER B 130 -25.00 16.79 3.80
CA SER B 130 -25.94 16.59 4.90
C SER B 130 -27.38 16.91 4.48
N GLN B 131 -27.79 16.44 3.32
CA GLN B 131 -29.13 16.70 2.79
C GLN B 131 -30.18 15.60 3.05
N TRP B 132 -29.73 14.45 3.54
CA TRP B 132 -30.67 13.35 3.82
C TRP B 132 -30.44 12.84 5.24
N PRO B 133 -30.70 13.69 6.24
CA PRO B 133 -30.53 13.39 7.66
C PRO B 133 -31.34 12.23 8.21
N GLU B 134 -32.37 11.80 7.47
CA GLU B 134 -33.20 10.69 7.94
C GLU B 134 -32.99 9.37 7.20
N LEU B 135 -32.00 9.33 6.31
CA LEU B 135 -31.70 8.13 5.54
C LEU B 135 -31.16 7.00 6.40
N ILE B 136 -30.05 7.25 7.09
CA ILE B 136 -29.43 6.23 7.93
C ILE B 136 -30.38 5.66 8.97
N PRO B 137 -30.97 6.52 9.81
CA PRO B 137 -31.89 6.01 10.85
C PRO B 137 -32.97 5.12 10.24
N GLN B 138 -33.50 5.55 9.09
CA GLN B 138 -34.55 4.79 8.40
C GLN B 138 -34.03 3.41 8.03
N LEU B 139 -32.88 3.38 7.35
CA LEU B 139 -32.25 2.12 6.92
C LEU B 139 -31.97 1.20 8.10
N VAL B 140 -31.42 1.75 9.17
CA VAL B 140 -31.13 0.96 10.36
C VAL B 140 -32.41 0.35 10.91
N ALA B 141 -33.45 1.17 11.00
CA ALA B 141 -34.75 0.72 11.50
C ALA B 141 -35.27 -0.43 10.66
N ASN B 142 -35.28 -0.25 9.34
CA ASN B 142 -35.77 -1.28 8.43
C ASN B 142 -35.14 -2.64 8.70
N VAL B 143 -33.91 -2.66 9.18
CA VAL B 143 -33.22 -3.91 9.46
C VAL B 143 -33.43 -4.46 10.87
N THR B 144 -33.36 -3.59 11.88
CA THR B 144 -33.52 -4.01 13.27
C THR B 144 -34.96 -4.29 13.69
N ASN B 145 -35.91 -3.79 12.90
CA ASN B 145 -37.31 -4.01 13.20
C ASN B 145 -37.65 -5.49 13.06
N PRO B 146 -38.11 -6.14 14.14
CA PRO B 146 -38.48 -7.56 14.18
C PRO B 146 -39.56 -7.97 13.19
N ASN B 147 -40.45 -7.05 12.82
CA ASN B 147 -41.52 -7.37 11.89
C ASN B 147 -41.14 -7.15 10.42
N SER B 148 -39.93 -6.66 10.18
CA SER B 148 -39.47 -6.43 8.81
C SER B 148 -39.39 -7.74 8.05
N THR B 149 -39.85 -7.72 6.80
CA THR B 149 -39.84 -8.92 5.97
C THR B 149 -38.45 -9.17 5.36
N GLU B 150 -38.30 -10.31 4.70
CA GLU B 150 -37.02 -10.65 4.09
C GLU B 150 -36.62 -9.61 3.04
N HIS B 151 -37.55 -9.30 2.13
CA HIS B 151 -37.30 -8.33 1.09
C HIS B 151 -36.96 -6.95 1.67
N LYS B 153 -35.54 -6.24 4.63
CA LYS B 153 -34.18 -6.27 5.15
C LYS B 153 -33.14 -6.45 4.02
N GLU B 154 -33.40 -7.38 3.11
CA GLU B 154 -32.50 -7.64 2.01
C GLU B 154 -32.25 -6.41 1.13
N SER B 155 -33.31 -5.71 0.75
CA SER B 155 -33.14 -4.55 -0.10
C SER B 155 -32.46 -3.41 0.64
N THR B 156 -32.73 -3.29 1.94
CA THR B 156 -32.12 -2.22 2.72
C THR B 156 -30.65 -2.46 2.87
N LEU B 157 -30.28 -3.73 3.11
CA LEU B 157 -28.89 -4.10 3.27
C LEU B 157 -28.11 -3.89 1.96
N GLU B 158 -28.77 -4.11 0.82
CA GLU B 158 -28.14 -3.91 -0.47
C GLU B 158 -27.84 -2.43 -0.61
N ALA B 159 -28.79 -1.59 -0.20
CA ALA B 159 -28.64 -0.15 -0.28
C ALA B 159 -27.51 0.35 0.63
N ILE B 160 -27.38 -0.25 1.81
CA ILE B 160 -26.32 0.14 2.72
C ILE B 160 -25.00 -0.27 2.06
N GLY B 161 -25.01 -1.43 1.41
CA GLY B 161 -23.84 -1.92 0.72
C GLY B 161 -23.36 -1.00 -0.38
N TYR B 162 -24.28 -0.55 -1.24
CA TYR B 162 -23.93 0.36 -2.33
C TYR B 162 -23.36 1.65 -1.77
N ILE B 163 -24.01 2.19 -0.74
CA ILE B 163 -23.55 3.42 -0.11
C ILE B 163 -22.13 3.27 0.40
N CYS B 164 -21.83 2.16 1.07
CA CYS B 164 -20.50 1.92 1.62
C CYS B 164 -19.41 1.88 0.57
N GLN B 165 -19.75 1.53 -0.66
CA GLN B 165 -18.74 1.44 -1.71
C GLN B 165 -18.78 2.58 -2.72
N ASP B 166 -19.80 3.42 -2.66
CA ASP B 166 -19.91 4.54 -3.59
C ASP B 166 -19.62 5.88 -2.95
N ILE B 167 -19.66 5.91 -1.62
CA ILE B 167 -19.42 7.17 -0.91
C ILE B 167 -18.03 7.20 -0.29
N ASP B 168 -17.48 8.42 -0.21
CA ASP B 168 -16.16 8.65 0.35
C ASP B 168 -16.13 8.14 1.79
N PRO B 169 -15.20 7.22 2.10
CA PRO B 169 -15.08 6.67 3.45
C PRO B 169 -15.16 7.70 4.58
N GLU B 170 -14.63 8.90 4.34
CA GLU B 170 -14.65 9.95 5.35
C GLU B 170 -16.07 10.44 5.60
N GLN B 171 -16.92 10.36 4.59
CA GLN B 171 -18.31 10.80 4.70
C GLN B 171 -19.15 9.84 5.55
N LEU B 172 -18.68 8.62 5.72
CA LEU B 172 -19.41 7.62 6.49
C LEU B 172 -18.86 7.34 7.89
N GLN B 173 -17.62 7.74 8.15
CA GLN B 173 -17.02 7.50 9.46
C GLN B 173 -17.89 8.05 10.59
N ASP B 174 -18.60 9.14 10.31
CA ASP B 174 -19.46 9.81 11.27
C ASP B 174 -20.71 9.01 11.64
N LYS B 175 -21.11 8.09 10.78
CA LYS B 175 -22.28 7.26 11.02
C LYS B 175 -21.92 5.78 10.98
N SER B 176 -20.71 5.46 11.43
CA SER B 176 -20.21 4.08 11.42
C SER B 176 -20.96 3.14 12.35
N ASN B 177 -21.19 3.56 13.59
CA ASN B 177 -21.90 2.70 14.54
C ASN B 177 -23.30 2.35 14.07
N GLU B 178 -23.98 3.29 13.43
CA GLU B 178 -25.31 3.01 12.93
C GLU B 178 -25.24 1.96 11.82
N ILE B 179 -24.50 2.29 10.77
CA ILE B 179 -24.33 1.39 9.65
C ILE B 179 -23.88 -0.01 10.08
N LEU B 180 -22.91 -0.06 11.00
CA LEU B 180 -22.42 -1.36 11.46
C LEU B 180 -23.47 -2.12 12.25
N THR B 181 -24.31 -1.40 12.99
CA THR B 181 -25.35 -2.06 13.77
C THR B 181 -26.34 -2.75 12.83
N ALA B 182 -26.70 -2.06 11.76
CA ALA B 182 -27.61 -2.60 10.77
C ALA B 182 -26.96 -3.78 10.05
N ILE B 183 -25.69 -3.62 9.69
CA ILE B 183 -24.97 -4.69 9.00
C ILE B 183 -24.84 -5.94 9.87
N ILE B 184 -24.41 -5.75 11.11
CA ILE B 184 -24.23 -6.87 12.03
C ILE B 184 -25.58 -7.53 12.33
N GLN B 185 -26.62 -6.73 12.35
CA GLN B 185 -27.97 -7.22 12.61
C GLN B 185 -28.37 -8.23 11.52
N GLY B 186 -28.12 -7.86 10.27
CA GLY B 186 -28.47 -8.74 9.18
C GLY B 186 -27.62 -10.00 9.10
N ARG B 188 -26.63 -11.69 12.07
CA ARG B 188 -26.79 -12.49 13.27
C ARG B 188 -27.07 -13.96 12.91
N LYS B 189 -26.42 -14.87 13.63
CA LYS B 189 -26.56 -16.30 13.43
C LYS B 189 -28.01 -16.76 13.28
N GLU B 190 -28.93 -16.07 13.95
CA GLU B 190 -30.33 -16.44 13.92
C GLU B 190 -31.13 -15.95 12.73
N GLU B 191 -30.49 -15.23 11.81
CA GLU B 191 -31.19 -14.72 10.62
C GLU B 191 -31.83 -15.88 9.88
N PRO B 192 -33.15 -15.80 9.61
CA PRO B 192 -33.85 -16.87 8.89
C PRO B 192 -33.48 -16.93 7.42
N SER B 193 -33.20 -15.77 6.83
CA SER B 193 -32.87 -15.67 5.41
C SER B 193 -31.39 -15.71 5.03
N ASN B 194 -31.05 -16.62 4.12
CA ASN B 194 -29.68 -16.74 3.64
C ASN B 194 -29.39 -15.55 2.71
N ASN B 195 -30.44 -15.01 2.09
CA ASN B 195 -30.30 -13.84 1.21
C ASN B 195 -30.00 -12.59 2.05
N VAL B 196 -30.62 -12.49 3.21
CA VAL B 196 -30.40 -11.35 4.08
C VAL B 196 -28.97 -11.41 4.58
N LYS B 197 -28.55 -12.61 4.97
CA LYS B 197 -27.20 -12.85 5.47
C LYS B 197 -26.15 -12.49 4.40
N LEU B 198 -26.40 -12.90 3.16
CA LEU B 198 -25.48 -12.60 2.07
C LEU B 198 -25.36 -11.09 1.88
N ALA B 199 -26.51 -10.42 1.84
CA ALA B 199 -26.52 -8.98 1.64
C ALA B 199 -25.77 -8.25 2.75
N ALA B 200 -25.91 -8.75 3.98
CA ALA B 200 -25.25 -8.13 5.12
C ALA B 200 -23.75 -8.36 5.11
N THR B 201 -23.34 -9.58 4.78
CA THR B 201 -21.93 -9.89 4.75
C THR B 201 -21.23 -9.15 3.61
N ASN B 202 -21.89 -9.02 2.47
CA ASN B 202 -21.30 -8.29 1.35
C ASN B 202 -21.08 -6.85 1.78
N ALA B 203 -22.03 -6.30 2.54
CA ALA B 203 -21.94 -4.93 3.01
C ALA B 203 -20.83 -4.72 4.05
N LEU B 204 -20.60 -5.72 4.89
CA LEU B 204 -19.54 -5.65 5.90
C LEU B 204 -18.20 -5.46 5.18
N LEU B 205 -17.99 -6.23 4.12
CA LEU B 205 -16.74 -6.17 3.39
C LEU B 205 -16.46 -4.76 2.91
N ASN B 206 -17.50 -4.06 2.48
CA ASN B 206 -17.34 -2.68 2.02
C ASN B 206 -17.11 -1.69 3.17
N SER B 207 -17.65 -1.99 4.36
CA SER B 207 -17.55 -1.10 5.51
C SER B 207 -16.21 -1.13 6.23
N LEU B 208 -15.36 -2.07 5.85
CA LEU B 208 -14.05 -2.20 6.48
C LEU B 208 -13.16 -0.99 6.21
N GLU B 209 -13.62 -0.12 5.32
CA GLU B 209 -12.90 1.08 4.95
C GLU B 209 -13.06 2.25 5.93
N PHE B 210 -14.09 2.22 6.76
CA PHE B 210 -14.31 3.32 7.70
C PHE B 210 -14.69 2.88 9.11
N THR B 211 -14.41 1.62 9.47
CA THR B 211 -14.75 1.15 10.79
C THR B 211 -13.58 0.84 11.71
N LYS B 212 -12.47 1.57 11.52
CA LYS B 212 -11.26 1.41 12.33
C LYS B 212 -11.57 1.57 13.81
N ALA B 213 -12.27 2.65 14.13
CA ALA B 213 -12.64 2.97 15.50
C ALA B 213 -13.42 1.80 16.12
N ASN B 214 -14.23 1.16 15.30
CA ASN B 214 -15.02 0.03 15.75
C ASN B 214 -14.16 -1.20 16.03
N PHE B 215 -13.14 -1.43 15.19
CA PHE B 215 -12.27 -2.58 15.39
C PHE B 215 -11.24 -2.37 16.50
N ASP B 216 -10.97 -1.09 16.79
CA ASP B 216 -10.02 -0.74 17.84
C ASP B 216 -10.61 -0.96 19.23
N LYS B 217 -11.92 -1.14 19.30
CA LYS B 217 -12.58 -1.39 20.58
C LYS B 217 -12.73 -2.88 20.82
N GLU B 218 -11.83 -3.43 21.63
CA GLU B 218 -11.83 -4.85 21.94
C GLU B 218 -13.19 -5.44 22.24
N SER B 219 -14.15 -4.60 22.58
CA SER B 219 -15.49 -5.09 22.89
C SER B 219 -16.29 -5.40 21.64
N GLU B 220 -16.36 -4.44 20.72
CA GLU B 220 -17.11 -4.63 19.48
C GLU B 220 -16.42 -5.65 18.59
N ARG B 221 -15.09 -5.56 18.55
CA ARG B 221 -14.27 -6.45 17.73
C ARG B 221 -14.61 -7.92 18.01
N HIS B 222 -14.77 -8.29 19.28
CA HIS B 222 -15.11 -9.68 19.61
C HIS B 222 -16.42 -10.10 18.96
N PHE B 223 -17.39 -9.20 18.92
CA PHE B 223 -18.68 -9.52 18.33
C PHE B 223 -18.63 -9.61 16.81
N ILE B 224 -17.94 -8.66 16.18
CA ILE B 224 -17.83 -8.68 14.73
C ILE B 224 -17.14 -9.97 14.28
N GLN B 226 -17.06 -12.83 15.90
CA GLN B 226 -17.93 -13.98 16.19
C GLN B 226 -18.98 -14.16 15.10
N VAL B 227 -19.56 -13.04 14.68
CA VAL B 227 -20.57 -13.02 13.66
C VAL B 227 -19.99 -13.43 12.29
N VAL B 228 -18.78 -12.95 11.99
CA VAL B 228 -18.13 -13.29 10.73
C VAL B 228 -17.74 -14.77 10.70
N CYS B 229 -17.19 -15.25 11.81
CA CYS B 229 -16.80 -16.65 11.86
C CYS B 229 -17.99 -17.58 11.73
N GLU B 230 -19.12 -17.19 12.32
CA GLU B 230 -20.31 -18.01 12.24
C GLU B 230 -20.79 -18.04 10.80
N ALA B 231 -20.73 -16.91 10.13
CA ALA B 231 -21.17 -16.84 8.73
C ALA B 231 -20.37 -17.78 7.83
N THR B 232 -19.15 -18.14 8.22
CA THR B 232 -18.35 -19.03 7.41
C THR B 232 -18.91 -20.45 7.48
N GLN B 233 -19.85 -20.66 8.38
CA GLN B 233 -20.46 -21.97 8.56
C GLN B 233 -21.81 -22.11 7.85
N CYS B 234 -22.31 -20.99 7.30
CA CYS B 234 -23.59 -20.99 6.60
C CYS B 234 -23.59 -21.96 5.42
N PRO B 235 -24.70 -22.71 5.25
CA PRO B 235 -24.89 -23.72 4.19
C PRO B 235 -24.90 -23.12 2.77
N ASP B 236 -25.27 -21.84 2.65
CA ASP B 236 -25.28 -21.17 1.34
C ASP B 236 -23.83 -20.70 1.09
N THR B 237 -23.18 -21.33 0.13
CA THR B 237 -21.79 -21.00 -0.19
C THR B 237 -21.51 -19.52 -0.48
N ARG B 238 -22.46 -18.78 -1.02
CA ARG B 238 -22.22 -17.37 -1.32
C ARG B 238 -21.97 -16.62 -0.02
N VAL B 239 -22.70 -16.99 1.04
CA VAL B 239 -22.50 -16.35 2.33
C VAL B 239 -21.14 -16.77 2.87
N ARG B 240 -20.86 -18.06 2.80
CA ARG B 240 -19.59 -18.60 3.27
C ARG B 240 -18.42 -17.86 2.61
N VAL B 241 -18.47 -17.73 1.29
CA VAL B 241 -17.40 -17.06 0.56
C VAL B 241 -17.27 -15.58 0.96
N ALA B 242 -18.39 -14.91 1.16
CA ALA B 242 -18.34 -13.50 1.55
C ALA B 242 -17.72 -13.38 2.95
N ALA B 243 -18.07 -14.31 3.85
CA ALA B 243 -17.52 -14.27 5.18
C ALA B 243 -16.00 -14.45 5.12
N LEU B 244 -15.55 -15.46 4.37
CA LEU B 244 -14.11 -15.71 4.22
C LEU B 244 -13.42 -14.47 3.69
N GLN B 245 -14.04 -13.81 2.71
CA GLN B 245 -13.50 -12.56 2.14
C GLN B 245 -13.25 -11.52 3.23
N ASN B 246 -14.14 -11.43 4.20
CA ASN B 246 -13.99 -10.49 5.30
C ASN B 246 -12.79 -10.87 6.16
N LEU B 247 -12.66 -12.14 6.48
CA LEU B 247 -11.53 -12.60 7.29
C LEU B 247 -10.22 -12.32 6.57
N VAL B 248 -10.24 -12.46 5.25
CA VAL B 248 -9.08 -12.21 4.43
C VAL B 248 -8.67 -10.73 4.52
N LYS B 249 -9.65 -9.84 4.39
CA LYS B 249 -9.35 -8.40 4.45
C LYS B 249 -9.01 -7.96 5.88
N ILE B 250 -9.72 -8.52 6.86
CA ILE B 250 -9.49 -8.18 8.25
C ILE B 250 -8.10 -8.63 8.69
N SER B 252 -5.43 -8.67 6.87
CA SER B 252 -4.43 -7.76 6.33
C SER B 252 -4.62 -6.35 6.87
N LEU B 253 -5.67 -6.16 7.67
CA LEU B 253 -5.95 -4.84 8.21
C LEU B 253 -5.72 -4.79 9.72
N TYR B 254 -5.85 -5.95 10.38
CA TYR B 254 -5.71 -6.02 11.82
C TYR B 254 -4.92 -7.22 12.31
N TYR B 255 -3.75 -7.44 11.73
CA TYR B 255 -2.90 -8.57 12.12
C TYR B 255 -2.63 -8.60 13.63
N GLN B 256 -2.46 -7.44 14.25
CA GLN B 256 -2.17 -7.40 15.68
C GLN B 256 -3.31 -7.84 16.61
N TYR B 257 -4.54 -7.84 16.10
CA TYR B 257 -5.71 -8.24 16.88
C TYR B 257 -6.05 -9.73 16.70
N GLU B 259 -4.47 -12.56 17.26
CA GLU B 259 -4.02 -13.60 18.20
C GLU B 259 -5.14 -14.15 19.07
N THR B 260 -6.20 -13.39 19.25
CA THR B 260 -7.32 -13.85 20.08
C THR B 260 -8.22 -14.84 19.33
N TYR B 261 -8.22 -14.75 18.00
CA TYR B 261 -9.08 -15.60 17.18
C TYR B 261 -8.37 -16.68 16.39
N GLY B 263 -5.97 -19.16 16.98
CA GLY B 263 -6.04 -20.52 17.49
C GLY B 263 -7.46 -21.02 17.71
N PRO B 264 -8.36 -20.21 18.29
CA PRO B 264 -9.75 -20.61 18.55
C PRO B 264 -10.66 -20.80 17.33
N ALA B 265 -10.48 -19.99 16.29
CA ALA B 265 -11.36 -20.11 15.13
C ALA B 265 -10.69 -20.08 13.75
N LEU B 266 -10.04 -18.96 13.44
CA LEU B 266 -9.38 -18.73 12.16
C LEU B 266 -8.58 -19.90 11.57
N PHE B 267 -7.72 -20.51 12.38
CA PHE B 267 -6.93 -21.61 11.90
C PHE B 267 -7.78 -22.73 11.30
N ALA B 268 -8.67 -23.29 12.10
CA ALA B 268 -9.54 -24.38 11.64
C ALA B 268 -10.40 -24.01 10.43
N ILE B 269 -11.00 -22.84 10.46
CA ILE B 269 -11.85 -22.39 9.37
C ILE B 269 -11.11 -22.26 8.03
N THR B 270 -10.04 -21.49 8.01
CA THR B 270 -9.29 -21.29 6.78
C THR B 270 -8.62 -22.56 6.28
N ILE B 271 -8.11 -23.38 7.19
CA ILE B 271 -7.48 -24.63 6.80
C ILE B 271 -8.51 -25.52 6.13
N GLU B 272 -9.74 -25.51 6.66
CA GLU B 272 -10.81 -26.31 6.09
C GLU B 272 -11.23 -25.72 4.74
N ALA B 273 -11.20 -24.38 4.63
CA ALA B 273 -11.57 -23.75 3.37
C ALA B 273 -10.56 -24.13 2.29
N LYS B 275 -9.09 -26.81 1.90
CA LYS B 275 -9.32 -28.18 1.49
C LYS B 275 -10.61 -28.43 0.73
N SER B 276 -11.43 -27.40 0.58
CA SER B 276 -12.72 -27.52 -0.12
C SER B 276 -12.60 -27.85 -1.60
N ASP B 277 -13.55 -28.63 -2.12
CA ASP B 277 -13.52 -28.97 -3.54
C ASP B 277 -14.19 -27.85 -4.33
N ILE B 278 -14.71 -26.87 -3.60
CA ILE B 278 -15.34 -25.71 -4.21
C ILE B 278 -14.22 -24.68 -4.40
N ASP B 279 -13.89 -24.35 -5.65
CA ASP B 279 -12.82 -23.42 -5.95
C ASP B 279 -12.89 -22.01 -5.32
N GLU B 280 -14.05 -21.40 -5.37
CA GLU B 280 -14.20 -20.05 -4.82
C GLU B 280 -13.87 -20.06 -3.32
N VAL B 281 -14.15 -21.18 -2.65
CA VAL B 281 -13.88 -21.32 -1.23
C VAL B 281 -12.40 -21.55 -0.98
N ALA B 282 -11.80 -22.48 -1.71
CA ALA B 282 -10.39 -22.78 -1.54
C ALA B 282 -9.50 -21.58 -1.85
N LEU B 283 -9.85 -20.79 -2.85
CA LEU B 283 -9.05 -19.61 -3.18
C LEU B 283 -9.01 -18.66 -1.99
N GLN B 284 -10.15 -18.51 -1.34
CA GLN B 284 -10.29 -17.63 -0.19
C GLN B 284 -9.40 -18.13 0.97
N GLY B 285 -9.32 -19.44 1.15
CA GLY B 285 -8.48 -19.97 2.20
C GLY B 285 -7.01 -19.67 1.91
N ILE B 286 -6.60 -19.91 0.67
CA ILE B 286 -5.23 -19.68 0.23
C ILE B 286 -4.84 -18.20 0.33
N GLU B 287 -5.74 -17.29 -0.03
CA GLU B 287 -5.43 -15.87 0.05
C GLU B 287 -5.21 -15.45 1.49
N PHE B 288 -5.98 -16.05 2.39
CA PHE B 288 -5.87 -15.75 3.81
C PHE B 288 -4.44 -15.99 4.28
N TRP B 289 -3.90 -17.17 4.00
CA TRP B 289 -2.53 -17.47 4.42
C TRP B 289 -1.48 -16.73 3.59
N SER B 290 -1.83 -16.34 2.37
CA SER B 290 -0.92 -15.58 1.54
C SER B 290 -0.75 -14.23 2.22
N ASN B 291 -1.85 -13.69 2.75
CA ASN B 291 -1.83 -12.41 3.43
C ASN B 291 -1.01 -12.47 4.72
N VAL B 292 -1.15 -13.56 5.47
CA VAL B 292 -0.38 -13.74 6.70
C VAL B 292 1.11 -13.72 6.33
N CYS B 293 1.47 -14.38 5.23
CA CYS B 293 2.86 -14.40 4.80
C CYS B 293 3.36 -13.01 4.46
N ASP B 294 2.52 -12.20 3.82
CA ASP B 294 2.91 -10.83 3.46
C ASP B 294 3.16 -10.05 4.73
N GLU B 295 2.21 -10.11 5.64
CA GLU B 295 2.29 -9.40 6.91
C GLU B 295 3.50 -9.78 7.71
N GLU B 296 3.71 -11.08 7.91
CA GLU B 296 4.84 -11.51 8.71
C GLU B 296 6.19 -11.25 8.03
N ASP B 298 6.77 -8.48 6.22
CA ASP B 298 6.98 -7.06 6.49
C ASP B 298 7.53 -6.89 7.91
N LEU B 299 6.89 -7.57 8.86
CA LEU B 299 7.30 -7.52 10.25
C LEU B 299 8.75 -7.98 10.47
N ALA B 300 9.17 -9.00 9.72
CA ALA B 300 10.54 -9.50 9.84
C ALA B 300 11.51 -8.38 9.42
N ILE B 301 11.15 -7.67 8.36
CA ILE B 301 11.95 -6.55 7.87
C ILE B 301 11.94 -5.42 8.92
N GLU B 302 10.84 -5.30 9.64
CA GLU B 302 10.69 -4.26 10.67
C GLU B 302 11.59 -4.60 11.84
N ALA B 303 11.59 -5.88 12.21
CA ALA B 303 12.42 -6.36 13.31
C ALA B 303 13.89 -6.14 12.98
N SER B 304 14.24 -6.34 11.72
CA SER B 304 15.62 -6.19 11.26
C SER B 304 16.09 -4.75 11.30
N GLU B 305 15.33 -3.85 10.68
CA GLU B 305 15.69 -2.44 10.66
C GLU B 305 15.74 -1.86 12.07
N ALA B 306 14.88 -2.36 12.94
CA ALA B 306 14.84 -1.90 14.32
C ALA B 306 16.12 -2.33 15.04
N ALA B 307 16.59 -3.53 14.75
CA ALA B 307 17.79 -4.07 15.38
C ALA B 307 19.02 -3.27 14.95
N GLU B 308 19.15 -3.05 13.65
CA GLU B 308 20.28 -2.30 13.13
C GLU B 308 20.31 -0.86 13.65
N GLN B 309 19.18 -0.39 14.17
CA GLN B 309 19.10 0.96 14.74
C GLN B 309 19.19 0.86 16.26
N GLY B 310 19.48 -0.33 16.75
CA GLY B 310 19.62 -0.54 18.19
C GLY B 310 18.36 -0.46 19.04
N ARG B 311 17.23 -0.91 18.50
CA ARG B 311 16.00 -0.85 19.27
C ARG B 311 15.01 -1.97 18.96
N PRO B 312 14.04 -2.20 19.87
CA PRO B 312 13.00 -3.23 19.71
C PRO B 312 11.99 -2.76 18.66
N PRO B 313 11.53 -3.69 17.82
CA PRO B 313 10.55 -3.28 16.80
C PRO B 313 9.23 -2.86 17.45
N GLU B 314 8.58 -1.86 16.86
CA GLU B 314 7.31 -1.34 17.36
C GLU B 314 6.24 -2.43 17.37
N HIS B 315 6.29 -3.29 16.37
CA HIS B 315 5.32 -4.38 16.27
C HIS B 315 6.07 -5.69 16.04
N THR B 316 5.54 -6.77 16.58
CA THR B 316 6.16 -8.08 16.42
C THR B 316 5.20 -9.04 15.75
N SER B 317 5.76 -10.10 15.20
CA SER B 317 5.01 -11.14 14.51
C SER B 317 4.77 -12.29 15.46
N LYS B 318 3.64 -12.99 15.32
CA LYS B 318 3.35 -14.14 16.17
C LYS B 318 3.74 -15.42 15.46
N PHE B 319 4.34 -15.24 14.28
CA PHE B 319 4.81 -16.34 13.44
C PHE B 319 3.78 -17.42 13.13
N TYR B 320 2.61 -16.98 12.71
CA TYR B 320 1.52 -17.89 12.36
C TYR B 320 1.89 -18.82 11.21
N ALA B 321 2.55 -18.30 10.17
CA ALA B 321 2.95 -19.10 9.01
C ALA B 321 3.89 -20.23 9.39
N LYS B 322 4.93 -19.90 10.15
CA LYS B 322 5.89 -20.92 10.57
C LYS B 322 5.17 -21.99 11.38
N GLY B 323 4.23 -21.57 12.22
CA GLY B 323 3.50 -22.53 13.03
C GLY B 323 2.54 -23.42 12.25
N ALA B 324 1.93 -22.87 11.20
CA ALA B 324 0.99 -23.62 10.38
C ALA B 324 1.66 -24.49 9.32
N LEU B 325 2.92 -24.19 9.04
CA LEU B 325 3.70 -24.90 8.03
C LEU B 325 3.40 -26.38 7.82
N GLN B 326 3.41 -27.16 8.89
CA GLN B 326 3.15 -28.60 8.78
C GLN B 326 1.74 -28.95 8.31
N TYR B 327 0.80 -28.02 8.47
CA TYR B 327 -0.57 -28.30 8.03
C TYR B 327 -0.82 -27.71 6.66
N LEU B 328 -0.21 -26.55 6.40
CA LEU B 328 -0.36 -25.85 5.12
C LEU B 328 0.25 -26.55 3.91
N VAL B 329 1.55 -26.83 3.98
CA VAL B 329 2.26 -27.47 2.89
C VAL B 329 1.63 -28.73 2.28
N PRO B 330 1.17 -29.69 3.10
CA PRO B 330 0.55 -30.90 2.51
C PRO B 330 -0.68 -30.54 1.67
N ILE B 331 -1.44 -29.58 2.16
CA ILE B 331 -2.64 -29.10 1.48
C ILE B 331 -2.30 -28.41 0.15
N LEU B 332 -1.22 -27.64 0.15
CA LEU B 332 -0.79 -26.90 -1.03
C LEU B 332 -0.23 -27.80 -2.12
N THR B 333 0.68 -28.69 -1.75
CA THR B 333 1.27 -29.61 -2.72
C THR B 333 0.19 -30.51 -3.35
N GLN B 334 -0.84 -30.81 -2.59
CA GLN B 334 -1.91 -31.66 -3.09
C GLN B 334 -2.75 -30.86 -4.07
N THR B 335 -2.89 -29.56 -3.83
CA THR B 335 -3.68 -28.70 -4.69
C THR B 335 -2.93 -28.53 -6.02
N LEU B 336 -1.62 -28.73 -5.97
CA LEU B 336 -0.79 -28.62 -7.16
C LEU B 336 -1.14 -29.69 -8.18
N THR B 337 -1.78 -30.76 -7.71
CA THR B 337 -2.17 -31.86 -8.60
C THR B 337 -3.53 -31.61 -9.23
N LYS B 338 -4.09 -30.42 -8.99
CA LYS B 338 -5.39 -30.07 -9.56
C LYS B 338 -5.19 -29.02 -10.64
N GLN B 339 -4.08 -29.12 -11.37
CA GLN B 339 -3.77 -28.18 -12.43
C GLN B 339 -4.69 -28.38 -13.62
N ASP B 340 -4.99 -27.29 -14.34
CA ASP B 340 -5.84 -27.37 -15.50
C ASP B 340 -5.12 -28.14 -16.60
N GLU B 341 -5.89 -28.81 -17.46
CA GLU B 341 -5.32 -29.58 -18.54
C GLU B 341 -4.78 -28.70 -19.67
N ASN B 342 -5.53 -27.66 -20.01
CA ASN B 342 -5.15 -26.75 -21.09
C ASN B 342 -4.15 -25.66 -20.73
N ASP B 343 -3.82 -24.82 -21.72
CA ASP B 343 -2.88 -23.72 -21.56
C ASP B 343 -3.54 -22.42 -21.14
N ASP B 344 -4.73 -22.50 -20.53
CA ASP B 344 -5.39 -21.29 -20.07
C ASP B 344 -4.68 -20.82 -18.83
N ASP B 345 -3.36 -20.65 -18.94
CA ASP B 345 -2.53 -20.21 -17.84
C ASP B 345 -2.75 -18.75 -17.50
N ASP B 346 -4.00 -18.31 -17.62
CA ASP B 346 -4.38 -16.95 -17.30
C ASP B 346 -5.64 -17.07 -16.46
N ASP B 347 -5.99 -18.32 -16.16
CA ASP B 347 -7.15 -18.64 -15.33
C ASP B 347 -6.58 -18.79 -13.93
N TRP B 348 -7.27 -18.27 -12.92
CA TRP B 348 -6.79 -18.33 -11.54
C TRP B 348 -7.51 -19.38 -10.72
N ASN B 349 -6.96 -20.59 -10.69
CA ASN B 349 -7.55 -21.67 -9.93
C ASN B 349 -6.72 -21.98 -8.70
N PRO B 350 -7.24 -22.82 -7.79
CA PRO B 350 -6.52 -23.18 -6.57
C PRO B 350 -5.09 -23.65 -6.84
N CYS B 351 -4.91 -24.40 -7.92
CA CYS B 351 -3.59 -24.91 -8.27
C CYS B 351 -2.57 -23.78 -8.47
N LYS B 352 -2.95 -22.77 -9.23
CA LYS B 352 -2.04 -21.65 -9.45
C LYS B 352 -1.89 -20.80 -8.20
N ALA B 353 -2.97 -20.61 -7.46
CA ALA B 353 -2.91 -19.83 -6.23
C ALA B 353 -2.01 -20.57 -5.22
N ALA B 354 -2.19 -21.88 -5.11
CA ALA B 354 -1.38 -22.68 -4.20
C ALA B 354 0.11 -22.56 -4.53
N GLY B 355 0.43 -22.62 -5.81
CA GLY B 355 1.82 -22.49 -6.23
C GLY B 355 2.38 -21.16 -5.78
N VAL B 356 1.63 -20.07 -5.98
CA VAL B 356 2.08 -18.76 -5.56
C VAL B 356 2.25 -18.74 -4.04
N CYS B 357 1.26 -19.26 -3.31
CA CYS B 357 1.33 -19.29 -1.86
C CYS B 357 2.57 -20.06 -1.38
N LEU B 358 2.88 -21.19 -2.00
CA LEU B 358 4.06 -21.96 -1.61
C LEU B 358 5.33 -21.12 -1.76
N LEU B 360 5.45 -17.71 -1.59
CA LEU B 360 5.40 -16.68 -0.54
C LEU B 360 5.85 -17.33 0.76
N LEU B 361 5.33 -18.51 0.99
CA LEU B 361 5.63 -19.27 2.19
C LEU B 361 7.13 -19.56 2.28
N SER B 362 7.76 -19.79 1.13
CA SER B 362 9.20 -20.08 1.11
C SER B 362 10.03 -18.85 1.46
N THR B 363 9.64 -17.70 0.94
CA THR B 363 10.39 -16.49 1.22
C THR B 363 10.08 -15.97 2.61
N CYS B 364 8.95 -16.41 3.17
CA CYS B 364 8.54 -15.99 4.50
C CYS B 364 9.19 -16.84 5.56
N CYS B 365 9.11 -18.16 5.38
CA CYS B 365 9.68 -19.08 6.35
C CYS B 365 11.08 -19.56 6.04
N GLU B 366 11.56 -19.25 4.84
CA GLU B 366 12.92 -19.64 4.45
C GLU B 366 13.32 -21.05 4.81
N ASP B 367 14.54 -21.21 5.33
CA ASP B 367 15.09 -22.51 5.68
C ASP B 367 14.10 -23.54 6.20
N ASP B 368 13.05 -23.15 6.93
CA ASP B 368 12.08 -24.12 7.45
C ASP B 368 11.16 -24.84 6.44
N ILE B 369 10.83 -24.16 5.35
CA ILE B 369 9.95 -24.73 4.33
C ILE B 369 10.54 -25.96 3.62
N VAL B 370 11.86 -25.98 3.45
CA VAL B 370 12.52 -27.10 2.75
C VAL B 370 12.23 -28.48 3.35
N PRO B 371 12.38 -28.64 4.66
CA PRO B 371 12.11 -29.94 5.28
C PRO B 371 10.71 -30.44 4.99
N HIS B 372 9.76 -29.52 4.86
CA HIS B 372 8.37 -29.88 4.60
C HIS B 372 8.03 -30.19 3.15
N VAL B 373 8.81 -29.64 2.23
CA VAL B 373 8.53 -29.87 0.82
C VAL B 373 9.31 -31.02 0.19
N LEU B 374 10.59 -31.17 0.56
CA LEU B 374 11.43 -32.24 0.01
C LEU B 374 10.79 -33.62 -0.08
N PRO B 375 10.21 -34.11 1.04
CA PRO B 375 9.59 -35.44 1.01
C PRO B 375 8.62 -35.65 -0.16
N PHE B 376 7.73 -34.68 -0.36
CA PHE B 376 6.74 -34.73 -1.44
C PHE B 376 7.44 -34.78 -2.78
N ILE B 377 8.46 -33.95 -2.94
CA ILE B 377 9.22 -33.89 -4.18
C ILE B 377 9.89 -35.23 -4.47
N LYS B 378 10.74 -35.70 -3.57
CA LYS B 378 11.43 -36.97 -3.80
C LYS B 378 10.47 -38.13 -4.02
N GLU B 379 9.29 -38.04 -3.42
CA GLU B 379 8.30 -39.10 -3.57
C GLU B 379 7.57 -39.10 -4.91
N HIS B 380 7.29 -37.93 -5.45
CA HIS B 380 6.56 -37.85 -6.70
C HIS B 380 7.35 -37.39 -7.93
N ILE B 381 8.60 -36.97 -7.75
CA ILE B 381 9.40 -36.51 -8.87
C ILE B 381 9.41 -37.53 -10.00
N LYS B 382 9.28 -38.81 -9.65
CA LYS B 382 9.27 -39.87 -10.65
C LYS B 382 7.97 -40.69 -10.62
N ASN B 383 6.86 -40.00 -10.46
CA ASN B 383 5.55 -40.64 -10.41
C ASN B 383 4.92 -40.81 -11.80
N PRO B 384 4.36 -41.98 -12.09
CA PRO B 384 3.72 -42.28 -13.38
C PRO B 384 2.59 -41.31 -13.71
N ASP B 385 1.96 -40.77 -12.68
CA ASP B 385 0.87 -39.83 -12.88
C ASP B 385 1.46 -38.44 -13.16
N TRP B 386 1.20 -37.90 -14.33
CA TRP B 386 1.75 -36.59 -14.68
C TRP B 386 1.35 -35.49 -13.71
N ARG B 387 0.13 -35.58 -13.18
CA ARG B 387 -0.35 -34.57 -12.24
C ARG B 387 0.52 -34.49 -10.98
N TYR B 388 1.05 -35.62 -10.54
CA TYR B 388 1.91 -35.62 -9.36
C TYR B 388 3.34 -35.30 -9.76
N ARG B 389 3.74 -35.79 -10.93
CA ARG B 389 5.10 -35.57 -11.42
C ARG B 389 5.28 -34.07 -11.63
N ASP B 390 4.27 -33.44 -12.23
CA ASP B 390 4.32 -32.00 -12.48
C ASP B 390 4.35 -31.21 -11.17
N ALA B 391 3.48 -31.59 -10.24
CA ALA B 391 3.40 -30.91 -8.94
C ALA B 391 4.73 -30.98 -8.22
N ALA B 392 5.43 -32.10 -8.38
CA ALA B 392 6.70 -32.31 -7.73
C ALA B 392 7.74 -31.33 -8.28
N VAL B 393 7.76 -31.16 -9.60
CA VAL B 393 8.70 -30.25 -10.23
C VAL B 393 8.36 -28.81 -9.85
N ALA B 395 6.78 -27.79 -7.14
CA ALA B 395 7.13 -27.61 -5.74
C ALA B 395 8.61 -27.35 -5.55
N PHE B 396 9.44 -28.06 -6.31
CA PHE B 396 10.88 -27.88 -6.19
C PHE B 396 11.27 -26.48 -6.61
N GLY B 397 10.64 -25.99 -7.68
CA GLY B 397 10.94 -24.64 -8.15
C GLY B 397 10.42 -23.57 -7.21
N SER B 398 9.34 -23.88 -6.48
CA SER B 398 8.70 -22.95 -5.57
C SER B 398 9.50 -22.58 -4.32
N ILE B 399 10.44 -23.43 -3.93
CA ILE B 399 11.24 -23.18 -2.74
C ILE B 399 12.64 -22.65 -3.00
N LEU B 400 12.95 -22.30 -4.25
CA LEU B 400 14.31 -21.84 -4.54
C LEU B 400 14.63 -20.43 -4.05
N GLU B 401 13.61 -19.63 -3.77
CA GLU B 401 13.85 -18.29 -3.26
C GLU B 401 13.38 -18.21 -1.82
N GLY B 402 14.30 -17.89 -0.92
CA GLY B 402 13.96 -17.80 0.48
C GLY B 402 14.95 -18.57 1.33
N PRO B 403 15.01 -19.90 1.16
CA PRO B 403 15.93 -20.73 1.92
C PRO B 403 17.37 -20.32 1.64
N GLU B 404 18.28 -20.80 2.48
CA GLU B 404 19.70 -20.50 2.34
C GLU B 404 20.22 -21.18 1.06
N PRO B 405 20.94 -20.42 0.23
CA PRO B 405 21.47 -20.96 -1.03
C PRO B 405 22.31 -22.23 -0.82
N ASN B 406 23.15 -22.21 0.22
CA ASN B 406 24.01 -23.34 0.55
C ASN B 406 23.21 -24.62 0.86
N GLN B 407 21.93 -24.45 1.16
CA GLN B 407 21.08 -25.61 1.47
C GLN B 407 20.34 -26.08 0.22
N LEU B 408 20.25 -25.20 -0.76
CA LEU B 408 19.55 -25.51 -2.01
C LEU B 408 20.47 -26.10 -3.09
N LYS B 409 21.69 -25.55 -3.19
CA LYS B 409 22.65 -26.00 -4.19
C LYS B 409 22.80 -27.52 -4.26
N PRO B 410 23.02 -28.19 -3.12
CA PRO B 410 23.15 -29.64 -3.18
C PRO B 410 21.88 -30.30 -3.72
N LEU B 411 20.72 -29.72 -3.40
CA LEU B 411 19.44 -30.24 -3.87
C LEU B 411 19.40 -30.13 -5.38
N VAL B 412 19.87 -28.99 -5.89
CA VAL B 412 19.91 -28.70 -7.31
C VAL B 412 20.80 -29.70 -8.05
N ILE B 413 22.03 -29.83 -7.57
CA ILE B 413 22.97 -30.75 -8.18
C ILE B 413 22.40 -32.15 -8.23
N GLN B 414 21.79 -32.57 -7.13
CA GLN B 414 21.19 -33.89 -7.03
C GLN B 414 19.96 -34.08 -7.92
N ALA B 415 19.29 -32.98 -8.27
CA ALA B 415 18.08 -33.07 -9.09
C ALA B 415 18.23 -32.75 -10.57
N PRO B 417 19.92 -33.79 -13.13
CA PRO B 417 19.82 -34.89 -14.09
C PRO B 417 18.36 -35.26 -14.37
N THR B 418 17.55 -35.29 -13.32
CA THR B 418 16.14 -35.62 -13.48
C THR B 418 15.46 -34.48 -14.25
N LEU B 419 15.78 -33.25 -13.88
CA LEU B 419 15.20 -32.10 -14.55
C LEU B 419 15.51 -32.14 -16.04
N ILE B 420 16.78 -32.31 -16.37
CA ILE B 420 17.18 -32.38 -17.77
C ILE B 420 16.40 -33.48 -18.49
N GLU B 421 16.16 -34.59 -17.77
CA GLU B 421 15.42 -35.70 -18.32
C GLU B 421 13.95 -35.31 -18.47
N LEU B 422 13.44 -34.59 -17.47
CA LEU B 422 12.05 -34.16 -17.48
C LEU B 422 11.73 -33.17 -18.60
N LYS B 424 12.34 -33.64 -21.46
CA LYS B 424 11.93 -34.50 -22.56
C LYS B 424 10.73 -35.37 -22.20
N ASP B 425 10.06 -35.01 -21.12
CA ASP B 425 8.90 -35.75 -20.62
C ASP B 425 7.74 -35.79 -21.62
N PRO B 426 6.97 -36.90 -21.61
CA PRO B 426 5.82 -37.12 -22.48
C PRO B 426 4.76 -36.03 -22.37
N SER B 427 4.54 -35.55 -21.16
CA SER B 427 3.53 -34.53 -20.92
C SER B 427 4.03 -33.11 -21.19
N VAL B 428 3.24 -32.34 -21.94
CA VAL B 428 3.61 -30.97 -22.27
C VAL B 428 3.63 -30.14 -20.98
N VAL B 429 2.63 -30.34 -20.14
CA VAL B 429 2.53 -29.63 -18.87
C VAL B 429 3.77 -29.84 -18.00
N VAL B 430 4.24 -31.09 -17.90
CA VAL B 430 5.43 -31.39 -17.12
C VAL B 430 6.67 -30.72 -17.73
N ARG B 431 6.76 -30.72 -19.04
CA ARG B 431 7.89 -30.11 -19.73
C ARG B 431 7.96 -28.61 -19.43
N ASP B 432 6.83 -27.92 -19.62
CA ASP B 432 6.81 -26.48 -19.38
C ASP B 432 7.17 -26.13 -17.94
N THR B 433 6.55 -26.83 -17.00
CA THR B 433 6.81 -26.60 -15.58
C THR B 433 8.29 -26.81 -15.28
N THR B 434 8.87 -27.83 -15.91
CA THR B 434 10.28 -28.14 -15.70
C THR B 434 11.16 -27.01 -16.25
N ALA B 435 10.80 -26.46 -17.40
CA ALA B 435 11.58 -25.36 -17.96
C ALA B 435 11.53 -24.19 -16.98
N TRP B 436 10.38 -24.04 -16.32
CA TRP B 436 10.16 -22.97 -15.34
C TRP B 436 11.13 -23.12 -14.18
N THR B 437 11.17 -24.32 -13.63
CA THR B 437 12.03 -24.62 -12.50
C THR B 437 13.50 -24.47 -12.82
N VAL B 438 13.91 -24.94 -14.00
CA VAL B 438 15.32 -24.82 -14.37
C VAL B 438 15.59 -23.33 -14.46
N GLY B 439 14.62 -22.59 -15.01
CA GLY B 439 14.72 -21.15 -15.13
C GLY B 439 14.91 -20.52 -13.75
N ARG B 440 14.12 -20.97 -12.78
CA ARG B 440 14.24 -20.46 -11.41
C ARG B 440 15.63 -20.75 -10.89
N ILE B 441 16.19 -21.89 -11.27
CA ILE B 441 17.54 -22.26 -10.84
C ILE B 441 18.59 -21.38 -11.52
N CYS B 442 18.65 -21.41 -12.85
CA CYS B 442 19.66 -20.62 -13.57
C CYS B 442 19.49 -19.15 -13.12
N GLU B 443 18.30 -18.82 -12.61
CA GLU B 443 18.01 -17.46 -12.17
C GLU B 443 18.38 -17.09 -10.71
N LEU B 444 18.05 -17.97 -9.76
CA LEU B 444 18.35 -17.71 -8.36
C LEU B 444 19.64 -18.36 -7.88
N LEU B 445 20.04 -19.47 -8.50
CA LEU B 445 21.25 -20.20 -8.12
C LEU B 445 22.13 -20.49 -9.33
N PRO B 446 22.56 -19.44 -10.06
CA PRO B 446 23.42 -19.61 -11.23
C PRO B 446 24.61 -20.58 -11.10
N GLU B 447 25.41 -20.40 -10.06
CA GLU B 447 26.55 -21.29 -9.85
C GLU B 447 26.21 -22.77 -9.93
N ALA B 448 25.20 -23.20 -9.16
CA ALA B 448 24.79 -24.59 -9.14
C ALA B 448 24.36 -25.13 -10.50
N ALA B 449 24.03 -24.23 -11.42
CA ALA B 449 23.60 -24.64 -12.76
C ALA B 449 24.74 -24.52 -13.74
N ILE B 450 25.25 -23.30 -13.87
CA ILE B 450 26.37 -22.97 -14.77
C ILE B 450 27.41 -24.08 -14.86
N ASN B 451 27.76 -24.65 -13.70
CA ASN B 451 28.76 -25.69 -13.64
C ASN B 451 28.23 -27.12 -13.80
N ASP B 452 27.00 -27.36 -13.37
CA ASP B 452 26.44 -28.69 -13.50
C ASP B 452 25.68 -28.84 -14.80
N VAL B 453 26.08 -28.03 -15.78
CA VAL B 453 25.46 -28.05 -17.10
C VAL B 453 25.80 -26.78 -17.87
N TYR B 454 25.95 -26.91 -19.18
CA TYR B 454 26.25 -25.78 -20.04
C TYR B 454 25.24 -25.80 -21.18
N LEU B 455 24.96 -24.64 -21.75
CA LEU B 455 23.98 -24.54 -22.82
C LEU B 455 24.47 -24.97 -24.20
N VAL B 456 23.57 -25.59 -24.95
CA VAL B 456 23.89 -26.07 -26.29
C VAL B 456 22.67 -25.90 -27.18
N PRO B 457 22.87 -25.38 -28.41
CA PRO B 457 21.79 -25.16 -29.37
C PRO B 457 21.05 -26.46 -29.68
N ASN B 458 19.72 -26.38 -29.72
CA ASN B 458 18.88 -27.54 -29.99
C ASN B 458 18.89 -27.91 -31.47
N SER B 459 18.16 -28.96 -31.81
CA SER B 459 18.04 -29.43 -33.18
C SER B 459 16.64 -29.99 -33.41
N SER B 460 15.89 -29.34 -34.31
CA SER B 460 14.54 -29.78 -34.62
C SER B 460 14.43 -30.29 -36.05
#